data_3AEY
#
_entry.id   3AEY
#
_cell.length_a   112.969
_cell.length_b   112.969
_cell.length_c   150.262
_cell.angle_alpha   90.00
_cell.angle_beta   90.00
_cell.angle_gamma   120.00
#
_symmetry.space_group_name_H-M   'P 32 2 1'
#
loop_
_entity.id
_entity.type
_entity.pdbx_description
1 polymer 'Threonine synthase'
2 non-polymer 'SULFATE ION'
3 water water
#
_entity_poly.entity_id   1
_entity_poly.type   'polypeptide(L)'
_entity_poly.pdbx_seq_one_letter_code
;MRPPLIERYRNLLPVSEKTPVISLLEGSTPLIPLKGPEEARKKGIRLYAKYEGLNPTGSFKDRGMTLAVSKAVEGGAQAV
ACASTGNTAASAAAYAARAGILAIVVLPAGYVALGKVAQSLVHGARIVQVEGNFDDALRLTQKLTEAFPVALVNSVNPHR
LEGQKTLAFEVVDELGDAPHYHALPVGNAGNITAHWMGYKAYHALGKAKRLPRMLGFQAAGAAPLVLGRPVERPETLATA
IRIGNPASWQGAVRAKEESGGVIEAVTDEEILFAYRYLAREEGIFCEPASAAAMAGVFKLLREGRLEPESTVVLTLTGHG
LKDPATAERVAELPPPVPARLEAVAAAAGLL
;
_entity_poly.pdbx_strand_id   A,B
#
loop_
_chem_comp.id
_chem_comp.type
_chem_comp.name
_chem_comp.formula
SO4 non-polymer 'SULFATE ION' 'O4 S -2'
#
# COMPACT_ATOMS: atom_id res chain seq x y z
N ARG A 2 -13.84 6.10 1.12
CA ARG A 2 -12.51 6.67 1.47
C ARG A 2 -12.52 8.19 1.55
N PRO A 3 -13.13 8.74 2.60
CA PRO A 3 -13.22 10.20 2.81
C PRO A 3 -11.98 10.73 3.50
N PRO A 4 -11.81 12.06 3.54
CA PRO A 4 -10.61 12.57 4.21
C PRO A 4 -10.81 12.22 5.69
N LEU A 5 -9.78 11.68 6.32
CA LEU A 5 -9.87 11.30 7.72
C LEU A 5 -10.35 12.47 8.58
N ILE A 6 -9.80 13.65 8.35
CA ILE A 6 -10.16 14.85 9.10
C ILE A 6 -11.64 15.20 8.98
N GLU A 7 -12.21 14.96 7.81
CA GLU A 7 -13.63 15.25 7.61
C GLU A 7 -14.50 14.19 8.27
N ARG A 8 -14.09 12.93 8.16
CA ARG A 8 -14.84 11.82 8.75
C ARG A 8 -15.04 12.03 10.26
N TYR A 9 -13.99 12.49 10.94
CA TYR A 9 -14.07 12.71 12.38
C TYR A 9 -13.82 14.17 12.77
N ARG A 10 -14.26 15.09 11.91
CA ARG A 10 -14.07 16.52 12.15
C ARG A 10 -14.46 17.01 13.54
N ASN A 11 -15.65 16.64 14.00
CA ASN A 11 -16.11 17.09 15.31
C ASN A 11 -15.29 16.56 16.48
N LEU A 12 -14.53 15.49 16.25
CA LEU A 12 -13.73 14.88 17.31
C LEU A 12 -12.26 15.24 17.22
N LEU A 13 -11.90 16.05 16.22
CA LEU A 13 -10.51 16.46 16.02
C LEU A 13 -10.32 17.96 16.24
N PRO A 14 -9.09 18.38 16.59
CA PRO A 14 -8.77 19.80 16.83
C PRO A 14 -8.66 20.63 15.56
N VAL A 15 -9.73 20.65 14.77
CA VAL A 15 -9.75 21.42 13.54
C VAL A 15 -10.92 22.38 13.56
N SER A 16 -10.82 23.42 12.74
CA SER A 16 -11.88 24.42 12.64
C SER A 16 -12.17 24.61 11.16
N GLU A 17 -13.06 25.53 10.84
CA GLU A 17 -13.41 25.81 9.46
C GLU A 17 -12.22 26.41 8.74
N LYS A 18 -11.28 26.97 9.50
CA LYS A 18 -10.09 27.59 8.91
C LYS A 18 -8.97 26.60 8.62
N THR A 19 -9.08 25.40 9.17
CA THR A 19 -8.04 24.39 8.96
C THR A 19 -7.98 23.90 7.51
N PRO A 20 -6.85 24.09 6.84
CA PRO A 20 -6.75 23.62 5.46
C PRO A 20 -6.67 22.09 5.54
N VAL A 21 -7.56 21.39 4.86
CA VAL A 21 -7.56 19.94 4.92
C VAL A 21 -6.56 19.35 3.93
N ILE A 22 -5.40 18.93 4.44
CA ILE A 22 -4.37 18.34 3.61
C ILE A 22 -4.53 16.82 3.76
N SER A 23 -5.19 16.21 2.78
CA SER A 23 -5.46 14.78 2.85
C SER A 23 -5.12 14.00 1.58
N LEU A 24 -4.72 12.75 1.78
CA LEU A 24 -4.41 11.85 0.68
C LEU A 24 -5.40 10.69 0.82
N LEU A 25 -6.49 10.97 1.53
CA LEU A 25 -7.56 10.02 1.79
C LEU A 25 -7.06 8.83 2.61
N GLU A 26 -6.21 9.13 3.58
CA GLU A 26 -5.63 8.16 4.49
C GLU A 26 -6.74 7.64 5.41
N GLY A 27 -6.45 6.62 6.20
CA GLY A 27 -7.46 6.09 7.09
C GLY A 27 -8.43 5.17 6.37
N SER A 28 -9.51 4.79 7.05
CA SER A 28 -10.51 3.89 6.49
C SER A 28 -9.82 2.67 5.90
N THR A 29 -8.88 2.12 6.65
CA THR A 29 -8.14 0.94 6.18
C THR A 29 -8.91 -0.33 6.52
N PRO A 30 -8.59 -1.43 5.81
CA PRO A 30 -9.25 -2.71 6.04
C PRO A 30 -9.03 -3.29 7.44
N LEU A 31 -10.08 -3.89 7.99
CA LEU A 31 -10.01 -4.57 9.28
C LEU A 31 -10.29 -6.02 8.84
N ILE A 32 -9.22 -6.75 8.55
CA ILE A 32 -9.32 -8.13 8.06
C ILE A 32 -9.51 -9.21 9.13
N PRO A 33 -10.63 -9.95 9.06
CA PRO A 33 -10.89 -11.01 10.03
C PRO A 33 -9.91 -12.13 9.73
N LEU A 34 -9.09 -12.51 10.71
CA LEU A 34 -8.11 -13.56 10.46
C LEU A 34 -8.72 -14.95 10.57
N LYS A 35 -8.21 -15.85 9.75
CA LYS A 35 -8.67 -17.24 9.74
C LYS A 35 -8.33 -17.87 11.10
N GLY A 36 -7.12 -17.62 11.57
CA GLY A 36 -6.71 -18.20 12.83
C GLY A 36 -6.00 -17.24 13.77
N PRO A 37 -4.94 -17.68 14.46
CA PRO A 37 -4.40 -19.05 14.38
C PRO A 37 -5.28 -20.10 15.03
N GLU A 38 -4.89 -21.36 14.85
CA GLU A 38 -5.61 -22.50 15.40
C GLU A 38 -5.72 -22.38 16.92
N GLU A 39 -4.65 -21.90 17.54
CA GLU A 39 -4.63 -21.73 18.99
C GLU A 39 -5.77 -20.81 19.43
N ALA A 40 -6.12 -19.87 18.58
CA ALA A 40 -7.19 -18.92 18.88
C ALA A 40 -8.57 -19.50 18.64
N ARG A 41 -8.79 -20.09 17.46
CA ARG A 41 -10.10 -20.66 17.15
C ARG A 41 -10.50 -21.74 18.14
N LYS A 42 -9.53 -22.48 18.66
CA LYS A 42 -9.82 -23.54 19.63
C LYS A 42 -10.52 -22.95 20.84
N LYS A 43 -10.18 -21.69 21.17
CA LYS A 43 -10.77 -21.01 22.31
C LYS A 43 -11.90 -20.07 21.89
N GLY A 44 -12.28 -20.12 20.63
CA GLY A 44 -13.34 -19.25 20.15
C GLY A 44 -12.93 -17.79 20.14
N ILE A 45 -11.62 -17.55 20.11
CA ILE A 45 -11.09 -16.19 20.09
C ILE A 45 -10.97 -15.74 18.64
N ARG A 46 -11.49 -14.55 18.34
CA ARG A 46 -11.45 -14.02 16.99
C ARG A 46 -10.48 -12.85 16.86
N LEU A 47 -9.62 -12.92 15.85
CA LEU A 47 -8.64 -11.87 15.62
C LEU A 47 -8.96 -11.09 14.36
N TYR A 48 -8.69 -9.79 14.40
CA TYR A 48 -8.92 -8.92 13.24
C TYR A 48 -7.67 -8.06 13.09
N ALA A 49 -7.18 -7.94 11.86
CA ALA A 49 -6.01 -7.13 11.61
C ALA A 49 -6.35 -5.81 10.91
N LYS A 50 -6.06 -4.70 11.58
CA LYS A 50 -6.29 -3.38 11.01
C LYS A 50 -5.01 -3.16 10.19
N TYR A 51 -5.15 -3.27 8.87
CA TYR A 51 -4.04 -3.18 7.92
C TYR A 51 -3.60 -1.76 7.59
N GLU A 52 -2.85 -1.14 8.49
CA GLU A 52 -2.40 0.24 8.29
C GLU A 52 -1.35 0.40 7.21
N GLY A 53 -0.84 -0.71 6.69
CA GLY A 53 0.13 -0.64 5.63
C GLY A 53 -0.53 -0.15 4.36
N LEU A 54 -1.86 -0.08 4.35
CA LEU A 54 -2.57 0.38 3.15
C LEU A 54 -2.90 1.87 3.18
N ASN A 55 -2.20 2.61 4.02
CA ASN A 55 -2.38 4.05 4.06
C ASN A 55 -1.53 4.57 2.90
N PRO A 56 -1.80 5.80 2.43
CA PRO A 56 -1.08 6.43 1.31
C PRO A 56 0.43 6.17 1.19
N THR A 57 1.19 6.32 2.28
CA THR A 57 2.63 6.11 2.20
C THR A 57 3.09 4.75 2.71
N GLY A 58 2.13 3.89 3.08
CA GLY A 58 2.46 2.55 3.56
C GLY A 58 2.66 2.44 5.07
N SER A 59 2.29 3.48 5.79
CA SER A 59 2.44 3.50 7.25
C SER A 59 1.26 4.16 7.95
N PHE A 60 0.98 3.71 9.17
CA PHE A 60 -0.10 4.27 9.98
C PHE A 60 0.13 5.75 10.28
N LYS A 61 1.39 6.17 10.18
CA LYS A 61 1.71 7.56 10.49
C LYS A 61 0.99 8.60 9.64
N ASP A 62 0.44 8.17 8.51
CA ASP A 62 -0.31 9.09 7.64
C ASP A 62 -1.50 9.65 8.43
N ARG A 63 -2.03 8.85 9.35
CA ARG A 63 -3.16 9.28 10.18
C ARG A 63 -2.80 10.53 10.98
N GLY A 64 -1.60 10.52 11.55
CA GLY A 64 -1.17 11.66 12.33
C GLY A 64 -0.65 12.79 11.47
N MET A 65 0.02 12.46 10.38
CA MET A 65 0.59 13.46 9.50
C MET A 65 -0.46 14.33 8.81
N THR A 66 -1.59 13.76 8.42
CA THR A 66 -2.60 14.57 7.76
C THR A 66 -3.02 15.72 8.69
N LEU A 67 -3.23 15.41 9.96
CA LEU A 67 -3.62 16.44 10.92
C LEU A 67 -2.46 17.37 11.28
N ALA A 68 -1.27 16.81 11.48
CA ALA A 68 -0.11 17.64 11.84
C ALA A 68 0.24 18.63 10.73
N VAL A 69 0.22 18.18 9.48
CA VAL A 69 0.54 19.08 8.36
C VAL A 69 -0.58 20.09 8.16
N SER A 70 -1.83 19.64 8.30
CA SER A 70 -2.97 20.54 8.13
C SER A 70 -2.93 21.65 9.18
N LYS A 71 -2.59 21.29 10.42
CA LYS A 71 -2.51 22.27 11.49
C LYS A 71 -1.28 23.15 11.31
N ALA A 72 -0.19 22.57 10.81
CA ALA A 72 1.03 23.34 10.58
C ALA A 72 0.74 24.46 9.58
N VAL A 73 0.06 24.11 8.49
CA VAL A 73 -0.29 25.08 7.47
C VAL A 73 -1.27 26.12 8.02
N GLU A 74 -2.18 25.68 8.89
CA GLU A 74 -3.14 26.59 9.49
C GLU A 74 -2.38 27.66 10.27
N GLY A 75 -1.26 27.24 10.88
CA GLY A 75 -0.46 28.15 11.67
C GLY A 75 0.55 28.95 10.85
N GLY A 76 0.49 28.83 9.53
CA GLY A 76 1.40 29.57 8.67
C GLY A 76 2.77 28.95 8.47
N ALA A 77 2.90 27.65 8.74
CA ALA A 77 4.17 26.98 8.58
C ALA A 77 4.56 26.90 7.10
N GLN A 78 5.84 27.11 6.82
CA GLN A 78 6.33 27.02 5.44
C GLN A 78 6.96 25.65 5.25
N ALA A 79 7.02 24.88 6.33
CA ALA A 79 7.62 23.56 6.27
C ALA A 79 7.41 22.78 7.57
N VAL A 80 7.64 21.47 7.48
CA VAL A 80 7.55 20.58 8.63
C VAL A 80 8.90 19.90 8.68
N ALA A 81 9.29 19.42 9.85
CA ALA A 81 10.57 18.74 10.00
C ALA A 81 10.48 17.61 11.01
N CYS A 82 11.40 16.65 10.90
CA CYS A 82 11.42 15.52 11.82
C CYS A 82 12.82 14.92 11.94
N ALA A 83 12.99 14.04 12.92
CA ALA A 83 14.26 13.40 13.18
C ALA A 83 14.43 12.05 12.49
N SER A 84 13.32 11.37 12.21
CA SER A 84 13.37 10.05 11.57
C SER A 84 13.85 10.02 10.12
N THR A 85 14.42 8.88 9.74
CA THR A 85 14.91 8.67 8.39
C THR A 85 14.00 7.62 7.74
N GLY A 86 13.00 7.18 8.49
CA GLY A 86 12.10 6.15 7.99
C GLY A 86 10.70 6.57 7.58
N ASN A 87 9.71 5.85 8.10
CA ASN A 87 8.32 6.10 7.77
C ASN A 87 7.81 7.50 8.09
N THR A 88 8.26 8.08 9.19
CA THR A 88 7.81 9.43 9.55
C THR A 88 8.22 10.41 8.46
N ALA A 89 9.47 10.30 7.99
CA ALA A 89 9.99 11.18 6.96
C ALA A 89 9.23 11.02 5.64
N ALA A 90 8.91 9.78 5.27
CA ALA A 90 8.18 9.53 4.02
C ALA A 90 6.77 10.13 4.11
N SER A 91 6.14 9.95 5.26
CA SER A 91 4.78 10.48 5.46
C SER A 91 4.84 12.00 5.44
N ALA A 92 5.78 12.58 6.20
CA ALA A 92 5.92 14.02 6.23
C ALA A 92 6.16 14.58 4.83
N ALA A 93 7.02 13.93 4.06
CA ALA A 93 7.32 14.38 2.70
C ALA A 93 6.11 14.36 1.79
N ALA A 94 5.32 13.29 1.87
CA ALA A 94 4.13 13.16 1.03
C ALA A 94 3.08 14.22 1.36
N TYR A 95 2.83 14.44 2.65
CA TYR A 95 1.84 15.45 3.03
C TYR A 95 2.34 16.87 2.78
N ALA A 96 3.66 17.06 2.86
CA ALA A 96 4.23 18.38 2.60
C ALA A 96 4.01 18.67 1.12
N ALA A 97 4.28 17.66 0.29
CA ALA A 97 4.11 17.78 -1.15
C ALA A 97 2.66 18.14 -1.45
N ARG A 98 1.75 17.45 -0.76
CA ARG A 98 0.31 17.69 -0.94
C ARG A 98 -0.03 19.13 -0.57
N ALA A 99 0.53 19.60 0.54
CA ALA A 99 0.28 20.95 1.04
C ALA A 99 1.01 22.05 0.29
N GLY A 100 2.03 21.68 -0.47
CA GLY A 100 2.78 22.69 -1.21
C GLY A 100 3.85 23.34 -0.33
N ILE A 101 4.25 22.65 0.73
CA ILE A 101 5.29 23.17 1.60
C ILE A 101 6.47 22.22 1.61
N LEU A 102 7.50 22.57 2.38
CA LEU A 102 8.70 21.76 2.46
C LEU A 102 8.67 20.76 3.61
N ALA A 103 9.38 19.65 3.42
CA ALA A 103 9.52 18.61 4.42
C ALA A 103 11.02 18.57 4.64
N ILE A 104 11.45 18.87 5.86
CA ILE A 104 12.87 18.89 6.15
C ILE A 104 13.28 17.80 7.11
N VAL A 105 14.38 17.12 6.78
CA VAL A 105 14.88 16.05 7.62
C VAL A 105 16.37 16.29 7.83
N VAL A 106 16.77 16.55 9.07
CA VAL A 106 18.16 16.79 9.40
C VAL A 106 18.74 15.49 9.95
N LEU A 107 19.84 15.04 9.35
CA LEU A 107 20.49 13.79 9.75
C LEU A 107 22.00 13.94 9.79
N PRO A 108 22.68 13.09 10.59
CA PRO A 108 24.14 13.15 10.68
C PRO A 108 24.68 12.65 9.35
N ALA A 109 25.72 13.31 8.83
CA ALA A 109 26.30 12.91 7.56
C ALA A 109 26.78 11.46 7.56
N GLY A 110 26.55 10.77 6.44
CA GLY A 110 26.98 9.40 6.30
C GLY A 110 26.20 8.35 7.07
N TYR A 111 25.15 8.76 7.76
CA TYR A 111 24.35 7.84 8.55
C TYR A 111 23.42 6.96 7.72
N VAL A 112 22.48 7.58 7.01
CA VAL A 112 21.50 6.80 6.23
C VAL A 112 21.92 6.33 4.84
N ALA A 113 21.18 5.34 4.35
CA ALA A 113 21.41 4.79 3.02
C ALA A 113 20.39 5.44 2.10
N LEU A 114 20.78 5.65 0.85
CA LEU A 114 19.91 6.27 -0.15
C LEU A 114 18.56 5.55 -0.24
N GLY A 115 18.60 4.23 -0.24
CA GLY A 115 17.38 3.44 -0.34
C GLY A 115 16.36 3.68 0.77
N LYS A 116 16.84 3.92 1.98
CA LYS A 116 15.91 4.15 3.08
C LYS A 116 15.16 5.46 2.98
N VAL A 117 15.77 6.47 2.34
CA VAL A 117 15.12 7.76 2.20
C VAL A 117 14.66 8.07 0.78
N ALA A 118 14.79 7.10 -0.12
CA ALA A 118 14.40 7.29 -1.52
C ALA A 118 12.94 7.72 -1.66
N GLN A 119 12.04 7.10 -0.91
CA GLN A 119 10.63 7.45 -0.97
C GLN A 119 10.42 8.92 -0.60
N SER A 120 11.00 9.35 0.52
CA SER A 120 10.84 10.74 0.94
C SER A 120 11.44 11.69 -0.10
N LEU A 121 12.57 11.30 -0.69
CA LEU A 121 13.22 12.13 -1.70
C LEU A 121 12.41 12.25 -2.98
N VAL A 122 11.74 11.16 -3.38
CA VAL A 122 10.92 11.22 -4.59
C VAL A 122 9.80 12.23 -4.38
N HIS A 123 9.35 12.37 -3.13
CA HIS A 123 8.29 13.32 -2.79
C HIS A 123 8.86 14.73 -2.68
N GLY A 124 10.18 14.85 -2.83
CA GLY A 124 10.82 16.15 -2.77
C GLY A 124 11.32 16.61 -1.41
N ALA A 125 11.48 15.66 -0.49
CA ALA A 125 11.95 15.99 0.85
C ALA A 125 13.33 16.63 0.78
N ARG A 126 13.61 17.51 1.73
CA ARG A 126 14.91 18.18 1.82
C ARG A 126 15.68 17.47 2.92
N ILE A 127 16.48 16.47 2.52
CA ILE A 127 17.27 15.73 3.48
C ILE A 127 18.58 16.47 3.68
N VAL A 128 18.78 17.02 4.87
CA VAL A 128 19.98 17.78 5.16
C VAL A 128 20.96 17.01 6.05
N GLN A 129 22.01 16.48 5.43
CA GLN A 129 23.04 15.76 6.17
C GLN A 129 23.98 16.81 6.76
N VAL A 130 24.16 16.78 8.07
CA VAL A 130 25.05 17.74 8.71
C VAL A 130 26.30 17.04 9.23
N GLU A 131 27.41 17.77 9.22
CA GLU A 131 28.67 17.22 9.69
C GLU A 131 28.70 17.32 11.21
N GLY A 132 27.92 16.45 11.85
CA GLY A 132 27.85 16.41 13.30
C GLY A 132 27.23 15.11 13.77
N ASN A 133 27.04 15.00 15.08
CA ASN A 133 26.47 13.80 15.69
C ASN A 133 24.94 13.82 15.58
N PHE A 134 24.32 12.65 15.74
CA PHE A 134 22.87 12.54 15.66
C PHE A 134 22.26 13.51 16.66
N ASP A 135 23.08 13.91 17.62
CA ASP A 135 22.70 14.86 18.66
C ASP A 135 22.44 16.20 17.96
N ASP A 136 23.43 16.64 17.20
CA ASP A 136 23.36 17.91 16.48
C ASP A 136 22.16 17.95 15.54
N ALA A 137 21.80 16.80 14.97
CA ALA A 137 20.68 16.72 14.05
C ALA A 137 19.37 17.09 14.75
N LEU A 138 19.05 16.37 15.82
CA LEU A 138 17.82 16.63 16.57
C LEU A 138 17.81 18.06 17.10
N ARG A 139 18.99 18.56 17.47
CA ARG A 139 19.12 19.90 17.99
C ARG A 139 18.89 20.99 16.95
N LEU A 140 19.62 20.89 15.83
CA LEU A 140 19.48 21.86 14.76
C LEU A 140 18.04 21.89 14.25
N THR A 141 17.36 20.77 14.37
CA THR A 141 15.97 20.66 13.92
C THR A 141 15.10 21.52 14.85
N GLN A 142 15.30 21.33 16.15
CA GLN A 142 14.55 22.08 17.16
C GLN A 142 14.71 23.58 16.94
N LYS A 143 15.96 24.02 16.79
CA LYS A 143 16.25 25.44 16.59
C LYS A 143 15.65 25.97 15.29
N LEU A 144 15.63 25.12 14.27
CA LEU A 144 15.06 25.50 12.98
C LEU A 144 13.60 25.87 13.19
N THR A 145 12.94 25.11 14.07
CA THR A 145 11.53 25.31 14.40
C THR A 145 11.30 26.59 15.19
N GLU A 146 12.34 27.08 15.85
CA GLU A 146 12.21 28.29 16.65
C GLU A 146 12.60 29.55 15.88
N ALA A 147 13.54 29.42 14.95
CA ALA A 147 14.00 30.56 14.17
C ALA A 147 13.28 30.73 12.83
N PHE A 148 12.54 29.71 12.42
CA PHE A 148 11.80 29.78 11.16
C PHE A 148 10.41 29.19 11.30
N PRO A 149 9.52 29.52 10.35
CA PRO A 149 8.14 29.00 10.39
C PRO A 149 8.12 27.53 9.98
N VAL A 150 8.69 26.68 10.84
CA VAL A 150 8.78 25.25 10.60
C VAL A 150 8.17 24.50 11.77
N ALA A 151 7.25 23.59 11.47
CA ALA A 151 6.58 22.81 12.51
C ALA A 151 7.27 21.45 12.69
N LEU A 152 7.51 21.08 13.93
CA LEU A 152 8.15 19.80 14.24
C LEU A 152 7.05 18.73 14.25
N VAL A 153 7.19 17.72 13.41
CA VAL A 153 6.19 16.67 13.34
C VAL A 153 6.69 15.34 13.86
N ASN A 154 7.31 15.38 15.03
CA ASN A 154 7.83 14.18 15.68
C ASN A 154 6.69 13.45 16.38
N SER A 155 6.99 12.29 16.96
CA SER A 155 5.98 11.48 17.61
C SER A 155 5.16 12.17 18.70
N VAL A 156 5.74 13.16 19.38
CA VAL A 156 5.04 13.86 20.44
C VAL A 156 4.17 15.02 19.97
N ASN A 157 4.22 15.33 18.68
CA ASN A 157 3.39 16.41 18.14
C ASN A 157 1.97 16.04 18.57
N PRO A 158 1.27 16.94 19.28
CA PRO A 158 -0.09 16.64 19.73
C PRO A 158 -1.07 16.30 18.62
N HIS A 159 -0.85 16.86 17.44
CA HIS A 159 -1.72 16.61 16.31
C HIS A 159 -1.49 15.23 15.72
N ARG A 160 -0.26 14.74 15.76
CA ARG A 160 -0.01 13.42 15.25
C ARG A 160 -0.71 12.41 16.14
N LEU A 161 -0.72 12.67 17.45
CA LEU A 161 -1.38 11.77 18.38
C LEU A 161 -2.91 11.81 18.19
N GLU A 162 -3.46 13.00 17.99
CA GLU A 162 -4.90 13.12 17.78
C GLU A 162 -5.32 12.43 16.49
N GLY A 163 -4.54 12.61 15.42
CA GLY A 163 -4.88 11.97 14.16
C GLY A 163 -4.81 10.45 14.27
N GLN A 164 -3.80 9.97 14.98
CA GLN A 164 -3.61 8.54 15.16
C GLN A 164 -4.70 7.89 16.00
N LYS A 165 -5.35 8.69 16.85
CA LYS A 165 -6.42 8.16 17.71
C LYS A 165 -7.60 7.62 16.90
N THR A 166 -7.76 8.12 15.67
CA THR A 166 -8.88 7.72 14.82
C THR A 166 -8.89 6.23 14.46
N LEU A 167 -7.76 5.55 14.61
CA LEU A 167 -7.74 4.13 14.29
C LEU A 167 -8.74 3.43 15.21
N ALA A 168 -8.75 3.82 16.48
CA ALA A 168 -9.67 3.22 17.45
C ALA A 168 -11.11 3.49 17.02
N PHE A 169 -11.37 4.72 16.55
CA PHE A 169 -12.70 5.11 16.09
C PHE A 169 -13.18 4.16 14.99
N GLU A 170 -12.32 3.93 14.02
CA GLU A 170 -12.65 3.06 12.90
C GLU A 170 -12.92 1.63 13.33
N VAL A 171 -12.18 1.14 14.31
CA VAL A 171 -12.37 -0.22 14.79
C VAL A 171 -13.74 -0.34 15.44
N VAL A 172 -14.10 0.63 16.29
CA VAL A 172 -15.39 0.62 16.95
C VAL A 172 -16.54 0.79 15.95
N ASP A 173 -16.35 1.67 14.98
CA ASP A 173 -17.39 1.89 13.96
C ASP A 173 -17.70 0.59 13.23
N GLU A 174 -16.66 -0.17 12.93
CA GLU A 174 -16.82 -1.42 12.21
C GLU A 174 -17.31 -2.61 13.05
N LEU A 175 -16.73 -2.78 14.24
CA LEU A 175 -17.11 -3.89 15.10
C LEU A 175 -18.38 -3.64 15.91
N GLY A 176 -18.71 -2.38 16.15
CA GLY A 176 -19.90 -2.05 16.91
C GLY A 176 -19.60 -1.75 18.37
N ASP A 177 -18.39 -2.05 18.80
CA ASP A 177 -17.95 -1.81 20.17
C ASP A 177 -16.43 -1.98 20.14
N ALA A 178 -15.75 -1.64 21.23
CA ALA A 178 -14.30 -1.81 21.27
C ALA A 178 -14.04 -3.30 21.48
N PRO A 179 -12.88 -3.80 21.04
CA PRO A 179 -12.59 -5.22 21.23
C PRO A 179 -12.17 -5.45 22.69
N HIS A 180 -12.09 -6.71 23.10
CA HIS A 180 -11.68 -7.03 24.45
C HIS A 180 -10.19 -6.69 24.60
N TYR A 181 -9.44 -6.92 23.52
CA TYR A 181 -8.00 -6.65 23.50
C TYR A 181 -7.58 -5.98 22.22
N HIS A 182 -6.56 -5.14 22.30
CA HIS A 182 -6.02 -4.49 21.11
C HIS A 182 -4.50 -4.54 21.22
N ALA A 183 -3.90 -5.34 20.34
CA ALA A 183 -2.45 -5.52 20.32
C ALA A 183 -1.82 -4.65 19.26
N LEU A 184 -0.63 -4.11 19.56
CA LEU A 184 0.08 -3.28 18.61
C LEU A 184 1.56 -3.20 19.00
N PRO A 185 2.42 -2.82 18.04
CA PRO A 185 3.85 -2.71 18.32
C PRO A 185 4.10 -1.42 19.09
N VAL A 186 5.18 -1.37 19.86
CA VAL A 186 5.51 -0.17 20.61
C VAL A 186 6.97 0.20 20.38
N GLY A 187 7.17 1.37 19.78
CA GLY A 187 8.50 1.88 19.51
C GLY A 187 8.66 3.14 20.35
N ASN A 188 8.29 4.29 19.78
CA ASN A 188 8.35 5.54 20.54
C ASN A 188 7.11 5.66 21.41
N ALA A 189 6.19 4.72 21.24
CA ALA A 189 4.94 4.64 22.01
C ALA A 189 3.87 5.67 21.74
N GLY A 190 4.05 6.47 20.70
CA GLY A 190 3.02 7.45 20.38
C GLY A 190 1.77 6.75 19.89
N ASN A 191 1.94 5.62 19.21
CA ASN A 191 0.78 4.90 18.67
C ASN A 191 -0.09 4.28 19.77
N ILE A 192 0.51 3.60 20.74
CA ILE A 192 -0.29 3.01 21.81
C ILE A 192 -0.98 4.11 22.61
N THR A 193 -0.27 5.23 22.80
CA THR A 193 -0.85 6.35 23.54
C THR A 193 -2.07 6.85 22.78
N ALA A 194 -1.93 7.02 21.46
CA ALA A 194 -3.03 7.50 20.62
C ALA A 194 -4.20 6.52 20.58
N HIS A 195 -3.91 5.23 20.49
CA HIS A 195 -4.96 4.21 20.45
C HIS A 195 -5.84 4.35 21.69
N TRP A 196 -5.20 4.44 22.85
CA TRP A 196 -5.93 4.57 24.12
C TRP A 196 -6.71 5.88 24.17
N MET A 197 -6.12 6.94 23.63
CA MET A 197 -6.81 8.24 23.59
C MET A 197 -8.11 8.07 22.79
N GLY A 198 -8.00 7.38 21.67
CA GLY A 198 -9.15 7.15 20.81
C GLY A 198 -10.23 6.32 21.48
N TYR A 199 -9.85 5.23 22.11
CA TYR A 199 -10.82 4.39 22.79
C TYR A 199 -11.51 5.12 23.93
N LYS A 200 -10.76 5.91 24.70
CA LYS A 200 -11.36 6.65 25.80
C LYS A 200 -12.33 7.71 25.29
N ALA A 201 -11.96 8.38 24.20
CA ALA A 201 -12.82 9.41 23.64
C ALA A 201 -14.13 8.81 23.12
N TYR A 202 -14.05 7.68 22.44
CA TYR A 202 -15.23 7.03 21.91
C TYR A 202 -16.10 6.44 23.02
N HIS A 203 -15.46 6.04 24.10
CA HIS A 203 -16.17 5.49 25.24
C HIS A 203 -16.96 6.64 25.89
N ALA A 204 -16.30 7.79 26.02
CA ALA A 204 -16.94 8.97 26.61
C ALA A 204 -18.10 9.42 25.73
N LEU A 205 -17.92 9.30 24.43
CA LEU A 205 -18.93 9.69 23.46
C LEU A 205 -20.12 8.73 23.50
N GLY A 206 -19.89 7.50 23.96
CA GLY A 206 -20.95 6.51 24.06
C GLY A 206 -21.00 5.55 22.89
N LYS A 207 -20.11 5.72 21.92
CA LYS A 207 -20.10 4.84 20.76
C LYS A 207 -19.46 3.49 21.09
N ALA A 208 -18.66 3.47 22.16
CA ALA A 208 -18.01 2.24 22.60
C ALA A 208 -18.47 1.97 24.03
N LYS A 209 -19.06 0.80 24.27
CA LYS A 209 -19.54 0.44 25.59
C LYS A 209 -18.40 0.01 26.50
N ARG A 210 -17.43 -0.72 25.97
CA ARG A 210 -16.32 -1.14 26.80
C ARG A 210 -15.01 -0.53 26.36
N LEU A 211 -14.00 -0.70 27.20
CA LEU A 211 -12.66 -0.21 26.93
C LEU A 211 -11.79 -1.44 26.76
N PRO A 212 -10.99 -1.49 25.71
CA PRO A 212 -10.14 -2.67 25.50
C PRO A 212 -8.91 -2.65 26.41
N ARG A 213 -8.30 -3.82 26.57
CA ARG A 213 -7.06 -3.91 27.33
C ARG A 213 -6.01 -3.73 26.24
N MET A 214 -5.16 -2.74 26.38
CA MET A 214 -4.12 -2.49 25.39
C MET A 214 -2.95 -3.43 25.60
N LEU A 215 -2.58 -4.15 24.53
CA LEU A 215 -1.46 -5.08 24.60
C LEU A 215 -0.33 -4.57 23.70
N GLY A 216 0.68 -3.96 24.31
CA GLY A 216 1.78 -3.44 23.53
C GLY A 216 2.95 -4.41 23.55
N PHE A 217 3.61 -4.56 22.41
CA PHE A 217 4.74 -5.46 22.34
C PHE A 217 5.98 -4.83 21.75
N GLN A 218 7.11 -5.13 22.37
CA GLN A 218 8.40 -4.61 21.93
C GLN A 218 9.30 -5.77 21.60
N ALA A 219 10.29 -5.51 20.74
CA ALA A 219 11.26 -6.54 20.39
C ALA A 219 12.14 -6.69 21.63
N ALA A 220 12.49 -7.92 21.98
CA ALA A 220 13.31 -8.19 23.16
C ALA A 220 14.58 -7.36 23.21
N GLY A 221 15.16 -7.08 22.04
CA GLY A 221 16.38 -6.29 21.96
C GLY A 221 16.21 -4.79 22.10
N ALA A 222 14.97 -4.32 22.20
CA ALA A 222 14.69 -2.89 22.37
C ALA A 222 13.40 -2.81 23.18
N ALA A 223 13.47 -3.27 24.43
CA ALA A 223 12.30 -3.31 25.29
C ALA A 223 12.38 -2.49 26.57
N PRO A 224 12.64 -1.18 26.46
CA PRO A 224 12.73 -0.33 27.64
C PRO A 224 11.45 -0.30 28.47
N LEU A 225 10.29 -0.32 27.81
CA LEU A 225 9.02 -0.29 28.53
C LEU A 225 8.68 -1.62 29.19
N VAL A 226 9.42 -2.67 28.81
CA VAL A 226 9.22 -3.99 29.41
C VAL A 226 10.20 -4.08 30.57
N LEU A 227 11.43 -3.63 30.33
CA LEU A 227 12.49 -3.65 31.34
C LEU A 227 12.29 -2.58 32.41
N GLY A 228 11.56 -1.53 32.07
CA GLY A 228 11.33 -0.45 33.01
C GLY A 228 12.52 0.48 33.14
N ARG A 229 13.36 0.51 32.10
CA ARG A 229 14.55 1.36 32.09
C ARG A 229 14.98 1.59 30.65
N PRO A 230 15.69 2.69 30.38
CA PRO A 230 16.15 2.99 29.02
C PRO A 230 17.13 1.93 28.50
N VAL A 231 17.09 1.72 27.18
CA VAL A 231 17.98 0.76 26.54
C VAL A 231 18.91 1.60 25.67
N GLU A 232 20.18 1.64 26.04
CA GLU A 232 21.16 2.44 25.31
C GLU A 232 21.56 1.89 23.94
N ARG A 233 21.52 0.56 23.80
CA ARG A 233 21.91 -0.07 22.54
C ARG A 233 20.80 -0.95 22.01
N PRO A 234 19.69 -0.34 21.57
CA PRO A 234 18.58 -1.13 21.05
C PRO A 234 18.95 -1.84 19.75
N GLU A 235 18.41 -3.03 19.56
CA GLU A 235 18.67 -3.78 18.33
C GLU A 235 17.53 -4.74 18.05
N THR A 236 17.20 -4.86 16.78
CA THR A 236 16.14 -5.77 16.33
C THR A 236 15.94 -5.62 14.84
N LEU A 237 15.49 -6.69 14.20
CA LEU A 237 15.21 -6.65 12.76
C LEU A 237 13.99 -5.77 12.54
N ALA A 238 13.19 -5.59 13.58
CA ALA A 238 11.99 -4.76 13.50
C ALA A 238 12.36 -3.29 13.66
N THR A 239 12.93 -2.73 12.59
CA THR A 239 13.40 -1.35 12.57
C THR A 239 12.44 -0.29 13.12
N ALA A 240 11.16 -0.39 12.78
CA ALA A 240 10.17 0.58 13.23
C ALA A 240 10.00 0.71 14.75
N ILE A 241 10.46 -0.29 15.51
CA ILE A 241 10.35 -0.21 16.96
C ILE A 241 11.72 -0.41 17.63
N ARG A 242 12.78 -0.09 16.90
CA ARG A 242 14.16 -0.20 17.38
C ARG A 242 14.44 1.11 18.14
N ILE A 243 13.75 1.26 19.27
CA ILE A 243 13.85 2.46 20.09
C ILE A 243 14.16 2.12 21.55
N GLY A 244 15.17 2.77 22.11
CA GLY A 244 15.56 2.51 23.49
C GLY A 244 15.09 3.52 24.52
N ASN A 245 14.59 4.66 24.04
CA ASN A 245 14.09 5.71 24.94
C ASN A 245 12.85 6.32 24.31
N PRO A 246 11.71 5.61 24.42
CA PRO A 246 10.44 6.09 23.84
C PRO A 246 10.05 7.52 24.21
N ALA A 247 9.80 8.34 23.19
CA ALA A 247 9.42 9.73 23.39
C ALA A 247 8.12 9.87 24.16
N SER A 248 7.21 8.89 24.02
CA SER A 248 5.94 8.94 24.74
C SER A 248 5.90 7.90 25.85
N TRP A 249 6.99 7.83 26.60
CA TRP A 249 7.11 6.88 27.71
C TRP A 249 5.93 6.96 28.68
N GLN A 250 5.65 8.15 29.20
CA GLN A 250 4.56 8.30 30.16
C GLN A 250 3.21 7.94 29.56
N GLY A 251 2.97 8.35 28.32
CA GLY A 251 1.71 8.04 27.67
C GLY A 251 1.48 6.54 27.60
N ALA A 252 2.53 5.79 27.30
CA ALA A 252 2.46 4.34 27.18
C ALA A 252 2.14 3.67 28.51
N VAL A 253 2.83 4.10 29.56
CA VAL A 253 2.61 3.54 30.89
C VAL A 253 1.18 3.80 31.34
N ARG A 254 0.67 5.02 31.10
CA ARG A 254 -0.70 5.32 31.49
C ARG A 254 -1.69 4.49 30.69
N ALA A 255 -1.44 4.33 29.39
CA ALA A 255 -2.33 3.52 28.56
C ALA A 255 -2.33 2.09 29.09
N LYS A 256 -1.15 1.58 29.40
CA LYS A 256 -1.04 0.21 29.93
C LYS A 256 -1.84 0.05 31.23
N GLU A 257 -1.58 0.94 32.18
CA GLU A 257 -2.25 0.88 33.49
C GLU A 257 -3.76 1.13 33.44
N GLU A 258 -4.15 2.22 32.80
CA GLU A 258 -5.57 2.57 32.71
C GLU A 258 -6.41 1.51 32.00
N SER A 259 -5.85 0.91 30.96
CA SER A 259 -6.58 -0.09 30.18
C SER A 259 -6.53 -1.49 30.80
N GLY A 260 -5.66 -1.68 31.79
CA GLY A 260 -5.53 -2.99 32.40
C GLY A 260 -4.83 -3.93 31.42
N GLY A 261 -3.94 -3.37 30.61
CA GLY A 261 -3.22 -4.16 29.63
C GLY A 261 -1.78 -4.43 30.03
N VAL A 262 -0.93 -4.67 29.04
CA VAL A 262 0.47 -4.96 29.32
C VAL A 262 1.35 -4.46 28.19
N ILE A 263 2.66 -4.45 28.45
CA ILE A 263 3.65 -4.11 27.44
C ILE A 263 4.71 -5.16 27.71
N GLU A 264 4.83 -6.12 26.79
CA GLU A 264 5.77 -7.20 26.97
C GLU A 264 6.67 -7.36 25.76
N ALA A 265 7.64 -8.26 25.87
CA ALA A 265 8.59 -8.46 24.80
C ALA A 265 8.42 -9.76 24.03
N VAL A 266 8.84 -9.73 22.76
CA VAL A 266 8.82 -10.89 21.88
C VAL A 266 10.19 -10.89 21.23
N THR A 267 10.75 -12.07 20.99
CA THR A 267 12.07 -12.17 20.38
C THR A 267 12.00 -11.94 18.88
N ASP A 268 13.14 -11.70 18.25
CA ASP A 268 13.16 -11.49 16.81
C ASP A 268 12.70 -12.79 16.11
N GLU A 269 13.01 -13.94 16.70
CA GLU A 269 12.59 -15.22 16.13
C GLU A 269 11.06 -15.30 16.16
N GLU A 270 10.46 -14.86 17.26
CA GLU A 270 9.01 -14.87 17.40
C GLU A 270 8.37 -13.88 16.41
N ILE A 271 9.01 -12.74 16.23
CA ILE A 271 8.52 -11.73 15.31
C ILE A 271 8.54 -12.30 13.90
N LEU A 272 9.66 -12.94 13.53
CA LEU A 272 9.81 -13.54 12.21
C LEU A 272 8.77 -14.64 11.99
N PHE A 273 8.47 -15.41 13.03
CA PHE A 273 7.49 -16.47 12.91
C PHE A 273 6.11 -15.89 12.61
N ALA A 274 5.74 -14.82 13.32
CA ALA A 274 4.44 -14.18 13.14
C ALA A 274 4.36 -13.50 11.77
N TYR A 275 5.50 -12.98 11.33
CA TYR A 275 5.65 -12.31 10.04
C TYR A 275 5.34 -13.31 8.93
N ARG A 276 5.95 -14.50 9.02
CA ARG A 276 5.74 -15.55 8.03
C ARG A 276 4.30 -16.06 8.11
N TYR A 277 3.82 -16.23 9.34
CA TYR A 277 2.46 -16.72 9.55
C TYR A 277 1.45 -15.82 8.82
N LEU A 278 1.52 -14.53 9.09
CA LEU A 278 0.61 -13.58 8.46
C LEU A 278 0.66 -13.65 6.94
N ALA A 279 1.87 -13.70 6.38
CA ALA A 279 2.01 -13.75 4.93
C ALA A 279 1.58 -15.10 4.32
N ARG A 280 2.05 -16.19 4.90
CA ARG A 280 1.75 -17.52 4.39
C ARG A 280 0.40 -18.12 4.73
N GLU A 281 -0.16 -17.77 5.88
CA GLU A 281 -1.45 -18.32 6.30
C GLU A 281 -2.63 -17.37 6.13
N GLU A 282 -2.40 -16.08 6.29
CA GLU A 282 -3.48 -15.10 6.16
C GLU A 282 -3.42 -14.31 4.86
N GLY A 283 -2.27 -14.33 4.19
CA GLY A 283 -2.12 -13.59 2.94
C GLY A 283 -1.90 -12.11 3.18
N ILE A 284 -1.47 -11.77 4.40
CA ILE A 284 -1.22 -10.38 4.79
C ILE A 284 0.29 -10.14 4.90
N PHE A 285 0.81 -9.24 4.08
CA PHE A 285 2.23 -8.90 4.07
C PHE A 285 2.47 -7.58 4.79
N CYS A 286 3.00 -7.65 6.00
CA CYS A 286 3.29 -6.46 6.79
C CYS A 286 4.78 -6.48 7.15
N GLU A 287 5.31 -5.35 7.61
CA GLU A 287 6.72 -5.30 7.98
C GLU A 287 6.95 -5.98 9.33
N PRO A 288 8.21 -6.34 9.64
CA PRO A 288 8.52 -7.01 10.91
C PRO A 288 7.95 -6.39 12.17
N ALA A 289 8.08 -5.06 12.32
CA ALA A 289 7.55 -4.40 13.51
C ALA A 289 6.07 -4.71 13.67
N SER A 290 5.33 -4.61 12.57
CA SER A 290 3.90 -4.90 12.58
C SER A 290 3.66 -6.32 13.08
N ALA A 291 4.50 -7.25 12.61
CA ALA A 291 4.38 -8.65 12.99
C ALA A 291 4.59 -8.88 14.49
N ALA A 292 5.25 -7.93 15.15
CA ALA A 292 5.49 -8.04 16.59
C ALA A 292 4.15 -8.09 17.34
N ALA A 293 3.14 -7.44 16.78
CA ALA A 293 1.83 -7.42 17.40
C ALA A 293 1.23 -8.84 17.38
N MET A 294 1.38 -9.52 16.24
CA MET A 294 0.88 -10.88 16.10
C MET A 294 1.71 -11.83 16.96
N ALA A 295 3.01 -11.58 17.03
CA ALA A 295 3.88 -12.42 17.85
C ALA A 295 3.42 -12.30 19.30
N GLY A 296 2.99 -11.10 19.68
CA GLY A 296 2.51 -10.86 21.03
C GLY A 296 1.26 -11.67 21.33
N VAL A 297 0.35 -11.74 20.36
CA VAL A 297 -0.88 -12.51 20.55
C VAL A 297 -0.53 -13.99 20.64
N PHE A 298 0.40 -14.45 19.80
CA PHE A 298 0.85 -15.84 19.86
C PHE A 298 1.38 -16.15 21.26
N LYS A 299 2.14 -15.21 21.81
CA LYS A 299 2.72 -15.34 23.14
C LYS A 299 1.66 -15.50 24.23
N LEU A 300 0.69 -14.58 24.25
CA LEU A 300 -0.36 -14.65 25.25
C LEU A 300 -1.25 -15.88 25.06
N LEU A 301 -1.43 -16.31 23.81
CA LEU A 301 -2.23 -17.50 23.54
C LEU A 301 -1.54 -18.73 24.15
N ARG A 302 -0.24 -18.87 23.91
CA ARG A 302 0.48 -20.00 24.45
C ARG A 302 0.50 -20.00 25.98
N GLU A 303 0.46 -18.79 26.56
CA GLU A 303 0.48 -18.66 28.02
C GLU A 303 -0.93 -18.75 28.60
N GLY A 304 -1.92 -18.90 27.73
CA GLY A 304 -3.31 -19.00 28.16
C GLY A 304 -3.81 -17.75 28.85
N ARG A 305 -3.37 -16.59 28.39
CA ARG A 305 -3.78 -15.32 28.99
C ARG A 305 -4.83 -14.50 28.28
N LEU A 306 -5.46 -15.06 27.25
CA LEU A 306 -6.52 -14.36 26.53
C LEU A 306 -7.81 -15.15 26.83
N GLU A 307 -8.82 -14.47 27.35
CA GLU A 307 -10.07 -15.17 27.68
C GLU A 307 -10.79 -15.72 26.44
N PRO A 308 -11.36 -16.93 26.57
CA PRO A 308 -12.08 -17.55 25.46
C PRO A 308 -13.22 -16.68 24.97
N GLU A 309 -13.60 -16.88 23.72
CA GLU A 309 -14.71 -16.15 23.09
C GLU A 309 -14.51 -14.64 23.02
N SER A 310 -13.26 -14.18 23.15
CA SER A 310 -12.99 -12.76 23.10
C SER A 310 -12.63 -12.30 21.68
N THR A 311 -12.57 -10.99 21.51
CA THR A 311 -12.21 -10.39 20.24
C THR A 311 -10.90 -9.66 20.41
N VAL A 312 -9.96 -9.91 19.51
CA VAL A 312 -8.65 -9.27 19.56
C VAL A 312 -8.38 -8.53 18.26
N VAL A 313 -8.03 -7.25 18.37
CA VAL A 313 -7.71 -6.50 17.16
C VAL A 313 -6.21 -6.25 17.20
N LEU A 314 -5.56 -6.35 16.04
CA LEU A 314 -4.13 -6.10 15.95
C LEU A 314 -3.90 -4.97 14.97
N THR A 315 -3.05 -4.03 15.33
CA THR A 315 -2.72 -2.95 14.42
C THR A 315 -1.41 -3.33 13.72
N LEU A 316 -1.49 -3.59 12.42
CA LEU A 316 -0.31 -3.91 11.64
C LEU A 316 0.06 -2.54 11.07
N THR A 317 1.09 -1.95 11.65
CA THR A 317 1.54 -0.60 11.33
C THR A 317 2.11 -0.23 9.96
N GLY A 318 2.73 -1.18 9.26
CA GLY A 318 3.31 -0.84 7.97
C GLY A 318 3.25 -1.98 6.97
N HIS A 319 3.32 -1.63 5.68
CA HIS A 319 3.26 -2.65 4.64
C HIS A 319 4.58 -3.41 4.52
N GLY A 320 4.50 -4.68 4.16
CA GLY A 320 5.69 -5.49 4.01
C GLY A 320 6.67 -4.91 3.01
N LEU A 321 6.15 -4.21 2.01
CA LEU A 321 7.01 -3.61 0.99
C LEU A 321 7.88 -2.50 1.56
N LYS A 322 7.66 -2.15 2.82
CA LYS A 322 8.47 -1.11 3.46
C LYS A 322 9.84 -1.68 3.82
N ASP A 323 9.90 -3.00 4.03
CA ASP A 323 11.15 -3.65 4.39
C ASP A 323 11.42 -4.86 3.49
N PRO A 324 11.72 -4.62 2.21
CA PRO A 324 11.99 -5.74 1.30
C PRO A 324 13.21 -6.55 1.72
N ALA A 325 14.17 -5.89 2.37
CA ALA A 325 15.39 -6.58 2.81
C ALA A 325 15.07 -7.86 3.57
N THR A 326 14.18 -7.74 4.56
CA THR A 326 13.81 -8.89 5.37
C THR A 326 13.15 -10.02 4.58
N ALA A 327 12.51 -9.67 3.47
CA ALA A 327 11.85 -10.67 2.64
C ALA A 327 12.75 -11.17 1.51
N GLU A 328 13.94 -10.60 1.39
CA GLU A 328 14.84 -11.00 0.32
C GLU A 328 16.05 -11.83 0.71
N ARG A 329 15.86 -12.71 1.69
CA ARG A 329 16.93 -13.59 2.14
C ARG A 329 17.18 -14.55 0.99
N VAL A 330 18.44 -14.91 0.74
CA VAL A 330 18.73 -15.82 -0.36
C VAL A 330 17.72 -16.96 -0.32
N ALA A 331 16.89 -17.04 -1.35
CA ALA A 331 15.81 -18.03 -1.44
C ALA A 331 16.25 -19.48 -1.60
N GLU A 332 17.35 -19.72 -2.31
CA GLU A 332 17.82 -21.09 -2.52
C GLU A 332 16.72 -21.89 -3.22
N LEU A 333 16.34 -21.41 -4.41
CA LEU A 333 15.29 -22.06 -5.20
C LEU A 333 15.84 -23.30 -5.90
N PRO A 334 14.98 -24.31 -6.10
CA PRO A 334 15.39 -25.55 -6.76
C PRO A 334 15.97 -25.26 -8.14
N PRO A 335 16.85 -26.13 -8.64
CA PRO A 335 17.44 -25.90 -9.97
C PRO A 335 16.34 -25.92 -11.02
N PRO A 336 16.56 -25.25 -12.16
CA PRO A 336 15.52 -25.27 -13.20
C PRO A 336 15.33 -26.68 -13.70
N VAL A 337 14.21 -26.94 -14.36
CA VAL A 337 13.92 -28.26 -14.90
C VAL A 337 13.71 -28.19 -16.41
N PRO A 338 13.77 -29.34 -17.09
CA PRO A 338 13.57 -29.35 -18.55
C PRO A 338 12.22 -28.72 -18.88
N ALA A 339 12.13 -28.09 -20.04
CA ALA A 339 10.89 -27.45 -20.46
C ALA A 339 9.85 -28.48 -20.86
N ARG A 340 9.54 -29.40 -19.95
CA ARG A 340 8.55 -30.45 -20.20
C ARG A 340 7.48 -30.35 -19.12
N LEU A 341 6.23 -30.58 -19.51
CA LEU A 341 5.11 -30.52 -18.58
C LEU A 341 5.27 -31.34 -17.31
N GLU A 342 5.55 -32.64 -17.46
CA GLU A 342 5.70 -33.50 -16.28
C GLU A 342 6.79 -33.01 -15.34
N ALA A 343 7.85 -32.45 -15.91
CA ALA A 343 8.95 -31.92 -15.11
C ALA A 343 8.46 -30.72 -14.29
N VAL A 344 7.66 -29.87 -14.94
CA VAL A 344 7.11 -28.69 -14.30
C VAL A 344 6.12 -29.08 -13.20
N ALA A 345 5.23 -30.02 -13.50
CA ALA A 345 4.25 -30.47 -12.51
C ALA A 345 4.95 -31.09 -11.31
N ALA A 346 6.00 -31.86 -11.58
CA ALA A 346 6.75 -32.51 -10.51
C ALA A 346 7.37 -31.44 -9.63
N ALA A 347 8.05 -30.48 -10.26
CA ALA A 347 8.71 -29.38 -9.55
C ALA A 347 7.69 -28.54 -8.78
N ALA A 348 6.53 -28.35 -9.37
CA ALA A 348 5.46 -27.55 -8.74
C ALA A 348 4.87 -28.30 -7.55
N GLY A 349 5.20 -29.58 -7.44
CA GLY A 349 4.68 -30.39 -6.34
C GLY A 349 3.27 -30.88 -6.59
N LEU A 350 2.90 -31.00 -7.86
CA LEU A 350 1.56 -31.46 -8.22
C LEU A 350 1.48 -32.97 -8.38
N LEU A 351 2.63 -33.63 -8.35
CA LEU A 351 2.69 -35.09 -8.49
C LEU A 351 3.02 -35.74 -7.17
N ARG B 2 -17.87 -4.66 7.35
CA ARG B 2 -17.83 -4.13 5.95
C ARG B 2 -17.73 -5.30 4.97
N PRO B 3 -18.55 -5.29 3.91
CA PRO B 3 -18.54 -6.37 2.92
C PRO B 3 -17.35 -6.36 1.95
N PRO B 4 -16.80 -7.54 1.65
CA PRO B 4 -15.68 -7.71 0.72
C PRO B 4 -16.12 -7.29 -0.69
N LEU B 5 -15.17 -7.02 -1.57
CA LEU B 5 -15.47 -6.60 -2.94
C LEU B 5 -16.53 -7.48 -3.62
N ILE B 6 -16.36 -8.80 -3.50
CA ILE B 6 -17.30 -9.74 -4.10
C ILE B 6 -18.71 -9.61 -3.53
N GLU B 7 -18.79 -9.23 -2.26
CA GLU B 7 -20.08 -9.06 -1.59
C GLU B 7 -20.71 -7.73 -2.01
N ARG B 8 -19.89 -6.69 -2.07
CA ARG B 8 -20.37 -5.36 -2.44
C ARG B 8 -21.04 -5.37 -3.81
N TYR B 9 -20.49 -6.13 -4.75
CA TYR B 9 -21.05 -6.19 -6.10
C TYR B 9 -21.52 -7.59 -6.47
N ARG B 10 -21.97 -8.35 -5.48
CA ARG B 10 -22.44 -9.71 -5.68
C ARG B 10 -23.42 -9.87 -6.85
N ASN B 11 -24.43 -9.01 -6.90
CA ASN B 11 -25.43 -9.09 -7.97
C ASN B 11 -24.87 -8.82 -9.36
N LEU B 12 -23.66 -8.28 -9.43
CA LEU B 12 -23.05 -7.96 -10.72
C LEU B 12 -21.88 -8.87 -11.09
N LEU B 13 -21.61 -9.86 -10.25
CA LEU B 13 -20.51 -10.77 -10.51
C LEU B 13 -20.98 -12.22 -10.65
N PRO B 14 -20.16 -13.07 -11.31
CA PRO B 14 -20.51 -14.48 -11.51
C PRO B 14 -20.26 -15.32 -10.25
N VAL B 15 -20.99 -15.00 -9.19
CA VAL B 15 -20.86 -15.71 -7.93
C VAL B 15 -22.23 -16.10 -7.42
N SER B 16 -22.27 -17.05 -6.50
CA SER B 16 -23.52 -17.49 -5.90
C SER B 16 -23.23 -17.84 -4.45
N GLU B 17 -24.24 -18.37 -3.75
CA GLU B 17 -24.05 -18.75 -2.36
C GLU B 17 -23.00 -19.87 -2.24
N LYS B 18 -22.75 -20.57 -3.33
CA LYS B 18 -21.78 -21.66 -3.34
C LYS B 18 -20.34 -21.16 -3.41
N THR B 19 -20.16 -19.92 -3.83
CA THR B 19 -18.83 -19.35 -3.98
C THR B 19 -18.14 -19.00 -2.68
N PRO B 20 -16.97 -19.61 -2.42
CA PRO B 20 -16.25 -19.30 -1.18
C PRO B 20 -15.56 -17.96 -1.41
N VAL B 21 -15.85 -16.98 -0.55
CA VAL B 21 -15.26 -15.66 -0.71
C VAL B 21 -13.86 -15.56 -0.12
N ILE B 22 -12.86 -15.51 -0.99
CA ILE B 22 -11.47 -15.40 -0.56
C ILE B 22 -11.12 -13.93 -0.76
N SER B 23 -11.13 -13.19 0.34
CA SER B 23 -10.89 -11.75 0.29
C SER B 23 -9.93 -11.21 1.33
N LEU B 24 -9.18 -10.18 0.92
CA LEU B 24 -8.25 -9.49 1.81
C LEU B 24 -8.80 -8.06 1.95
N LEU B 25 -10.09 -7.92 1.66
CA LEU B 25 -10.78 -6.64 1.71
C LEU B 25 -10.21 -5.64 0.72
N GLU B 26 -9.88 -6.16 -0.46
CA GLU B 26 -9.35 -5.37 -1.57
C GLU B 26 -10.43 -4.41 -2.05
N GLY B 27 -10.07 -3.51 -2.95
CA GLY B 27 -11.04 -2.57 -3.47
C GLY B 27 -11.28 -1.41 -2.52
N SER B 28 -12.33 -0.63 -2.81
CA SER B 28 -12.67 0.54 -2.01
C SER B 28 -11.45 1.42 -1.82
N THR B 29 -10.71 1.60 -2.90
CA THR B 29 -9.50 2.40 -2.88
C THR B 29 -9.85 3.88 -3.00
N PRO B 30 -8.95 4.75 -2.52
CA PRO B 30 -9.16 6.20 -2.58
C PRO B 30 -9.23 6.76 -4.00
N LEU B 31 -10.14 7.71 -4.19
CA LEU B 31 -10.29 8.40 -5.46
C LEU B 31 -9.85 9.82 -5.08
N ILE B 32 -8.53 10.06 -5.18
CA ILE B 32 -7.94 11.33 -4.78
C ILE B 32 -8.09 12.47 -5.78
N PRO B 33 -8.72 13.58 -5.36
CA PRO B 33 -8.90 14.74 -6.24
C PRO B 33 -7.56 15.43 -6.37
N LEU B 34 -7.01 15.46 -7.58
CA LEU B 34 -5.73 16.11 -7.80
C LEU B 34 -5.82 17.62 -7.77
N LYS B 35 -4.78 18.25 -7.26
CA LYS B 35 -4.70 19.71 -7.17
C LYS B 35 -4.63 20.31 -8.57
N GLY B 36 -3.84 19.69 -9.44
CA GLY B 36 -3.71 20.20 -10.78
C GLY B 36 -3.62 19.12 -11.84
N PRO B 37 -2.69 19.25 -12.80
CA PRO B 37 -1.72 20.35 -12.93
C PRO B 37 -2.34 21.67 -13.36
N GLU B 38 -1.51 22.70 -13.46
CA GLU B 38 -1.95 24.04 -13.86
C GLU B 38 -2.68 24.06 -15.20
N GLU B 39 -2.18 23.26 -16.14
CA GLU B 39 -2.76 23.18 -17.47
C GLU B 39 -4.23 22.75 -17.39
N ALA B 40 -4.53 21.85 -16.47
CA ALA B 40 -5.89 21.36 -16.28
C ALA B 40 -6.74 22.39 -15.55
N ARG B 41 -6.18 22.96 -14.48
CA ARG B 41 -6.88 23.97 -13.68
C ARG B 41 -7.21 25.15 -14.58
N LYS B 42 -6.28 25.46 -15.47
CA LYS B 42 -6.43 26.57 -16.42
C LYS B 42 -7.68 26.41 -17.28
N LYS B 43 -8.18 25.19 -17.40
CA LYS B 43 -9.37 24.92 -18.20
C LYS B 43 -10.52 24.33 -17.39
N GLY B 44 -10.40 24.41 -16.07
CA GLY B 44 -11.45 23.88 -15.20
C GLY B 44 -11.58 22.37 -15.26
N ILE B 45 -10.57 21.70 -15.78
CA ILE B 45 -10.56 20.24 -15.88
C ILE B 45 -10.15 19.65 -14.54
N ARG B 46 -10.97 18.76 -13.99
CA ARG B 46 -10.67 18.15 -12.70
C ARG B 46 -10.18 16.71 -12.83
N LEU B 47 -9.03 16.43 -12.23
CA LEU B 47 -8.45 15.09 -12.26
C LEU B 47 -8.62 14.38 -10.94
N TYR B 48 -8.84 13.06 -11.02
CA TYR B 48 -8.99 12.23 -9.84
C TYR B 48 -8.15 10.99 -10.05
N ALA B 49 -7.38 10.62 -9.03
CA ALA B 49 -6.52 9.45 -9.12
C ALA B 49 -7.09 8.31 -8.30
N LYS B 50 -7.46 7.23 -8.97
CA LYS B 50 -7.97 6.03 -8.31
C LYS B 50 -6.67 5.31 -7.94
N TYR B 51 -6.30 5.43 -6.67
CA TYR B 51 -5.06 4.90 -6.14
C TYR B 51 -5.08 3.40 -5.84
N GLU B 52 -4.96 2.59 -6.89
CA GLU B 52 -4.98 1.14 -6.76
C GLU B 52 -3.76 0.54 -6.07
N GLY B 53 -2.76 1.39 -5.80
CA GLY B 53 -1.57 0.91 -5.13
C GLY B 53 -1.89 0.63 -3.67
N LEU B 54 -3.07 1.03 -3.21
CA LEU B 54 -3.46 0.81 -1.83
C LEU B 54 -4.28 -0.47 -1.62
N ASN B 55 -4.24 -1.35 -2.62
CA ASN B 55 -4.92 -2.63 -2.49
C ASN B 55 -3.97 -3.47 -1.65
N PRO B 56 -4.46 -4.57 -1.05
CA PRO B 56 -3.66 -5.46 -0.20
C PRO B 56 -2.24 -5.81 -0.65
N THR B 57 -2.03 -6.15 -1.92
CA THR B 57 -0.68 -6.49 -2.37
C THR B 57 0.02 -5.35 -3.11
N GLY B 58 -0.61 -4.19 -3.16
CA GLY B 58 0.01 -3.05 -3.82
C GLY B 58 -0.33 -2.81 -5.28
N SER B 59 -1.35 -3.50 -5.80
CA SER B 59 -1.75 -3.29 -7.19
C SER B 59 -3.20 -3.65 -7.42
N PHE B 60 -3.76 -3.10 -8.50
CA PHE B 60 -5.16 -3.32 -8.87
C PHE B 60 -5.50 -4.77 -9.13
N LYS B 61 -4.49 -5.59 -9.40
CA LYS B 61 -4.73 -6.99 -9.71
C LYS B 61 -5.45 -7.76 -8.61
N ASP B 62 -5.39 -7.25 -7.37
CA ASP B 62 -6.10 -7.90 -6.26
C ASP B 62 -7.60 -7.95 -6.57
N ARG B 63 -8.08 -6.98 -7.35
CA ARG B 63 -9.50 -6.93 -7.71
C ARG B 63 -9.90 -8.15 -8.50
N GLY B 64 -9.08 -8.53 -9.45
CA GLY B 64 -9.39 -9.71 -10.25
C GLY B 64 -9.01 -10.99 -9.54
N MET B 65 -7.95 -10.94 -8.75
CA MET B 65 -7.48 -12.13 -8.06
C MET B 65 -8.49 -12.64 -7.03
N THR B 66 -9.15 -11.75 -6.30
CA THR B 66 -10.11 -12.21 -5.31
C THR B 66 -11.21 -13.04 -5.99
N LEU B 67 -11.69 -12.58 -7.13
CA LEU B 67 -12.74 -13.34 -7.83
C LEU B 67 -12.18 -14.58 -8.50
N ALA B 68 -11.03 -14.47 -9.15
CA ALA B 68 -10.43 -15.60 -9.84
C ALA B 68 -10.08 -16.74 -8.87
N VAL B 69 -9.54 -16.39 -7.71
CA VAL B 69 -9.17 -17.40 -6.73
C VAL B 69 -10.41 -17.97 -6.04
N SER B 70 -11.40 -17.12 -5.77
CA SER B 70 -12.62 -17.58 -5.15
C SER B 70 -13.32 -18.59 -6.07
N LYS B 71 -13.39 -18.27 -7.37
CA LYS B 71 -14.04 -19.16 -8.32
C LYS B 71 -13.21 -20.43 -8.51
N ALA B 72 -11.89 -20.29 -8.46
CA ALA B 72 -10.99 -21.44 -8.61
C ALA B 72 -11.29 -22.44 -7.50
N VAL B 73 -11.38 -21.94 -6.26
CA VAL B 73 -11.67 -22.78 -5.12
C VAL B 73 -13.08 -23.37 -5.20
N GLU B 74 -14.02 -22.61 -5.75
CA GLU B 74 -15.39 -23.11 -5.90
C GLU B 74 -15.34 -24.38 -6.74
N GLY B 75 -14.41 -24.42 -7.70
CA GLY B 75 -14.26 -25.58 -8.56
C GLY B 75 -13.28 -26.60 -8.02
N GLY B 76 -12.84 -26.42 -6.78
CA GLY B 76 -11.92 -27.35 -6.16
C GLY B 76 -10.47 -27.27 -6.60
N ALA B 77 -10.07 -26.12 -7.16
CA ALA B 77 -8.70 -25.95 -7.61
C ALA B 77 -7.73 -26.18 -6.45
N GLN B 78 -6.63 -26.87 -6.72
CA GLN B 78 -5.63 -27.15 -5.70
C GLN B 78 -4.51 -26.11 -5.75
N ALA B 79 -4.55 -25.27 -6.77
CA ALA B 79 -3.55 -24.24 -6.94
C ALA B 79 -3.94 -23.31 -8.09
N VAL B 80 -3.21 -22.20 -8.18
CA VAL B 80 -3.41 -21.24 -9.25
C VAL B 80 -2.01 -21.07 -9.81
N ALA B 81 -1.90 -20.68 -11.07
CA ALA B 81 -0.60 -20.53 -11.68
C ALA B 81 -0.56 -19.36 -12.64
N CYS B 82 0.63 -18.84 -12.87
CA CYS B 82 0.83 -17.74 -13.80
C CYS B 82 2.27 -17.85 -14.32
N ALA B 83 2.51 -17.31 -15.51
CA ALA B 83 3.85 -17.35 -16.09
C ALA B 83 4.41 -15.94 -16.10
N SER B 84 4.46 -15.33 -14.92
CA SER B 84 4.98 -13.97 -14.82
C SER B 84 5.43 -13.67 -13.40
N THR B 85 6.30 -12.67 -13.28
CA THR B 85 6.78 -12.25 -11.98
C THR B 85 6.07 -10.93 -11.71
N GLY B 86 6.48 -10.22 -10.66
CA GLY B 86 5.86 -8.95 -10.39
C GLY B 86 4.49 -8.99 -9.73
N ASN B 87 3.66 -8.01 -10.08
CA ASN B 87 2.33 -7.85 -9.51
C ASN B 87 1.37 -9.01 -9.59
N THR B 88 1.28 -9.66 -10.76
CA THR B 88 0.37 -10.78 -10.89
C THR B 88 0.79 -11.91 -9.94
N ALA B 89 2.08 -12.21 -9.93
CA ALA B 89 2.62 -13.27 -9.07
C ALA B 89 2.35 -12.98 -7.60
N ALA B 90 2.62 -11.74 -7.17
CA ALA B 90 2.40 -11.37 -5.77
C ALA B 90 0.94 -11.48 -5.36
N SER B 91 0.05 -10.98 -6.21
CA SER B 91 -1.37 -11.04 -5.91
C SER B 91 -1.84 -12.49 -5.84
N ALA B 92 -1.49 -13.28 -6.85
CA ALA B 92 -1.88 -14.69 -6.88
C ALA B 92 -1.40 -15.40 -5.62
N ALA B 93 -0.16 -15.13 -5.23
CA ALA B 93 0.42 -15.76 -4.04
C ALA B 93 -0.32 -15.39 -2.75
N ALA B 94 -0.66 -14.12 -2.61
CA ALA B 94 -1.37 -13.64 -1.42
C ALA B 94 -2.75 -14.29 -1.29
N TYR B 95 -3.49 -14.33 -2.38
CA TYR B 95 -4.81 -14.93 -2.34
C TYR B 95 -4.77 -16.45 -2.22
N ALA B 96 -3.79 -17.08 -2.86
CA ALA B 96 -3.68 -18.53 -2.76
C ALA B 96 -3.39 -18.86 -1.29
N ALA B 97 -2.55 -18.04 -0.68
CA ALA B 97 -2.19 -18.24 0.73
C ALA B 97 -3.44 -18.10 1.59
N ARG B 98 -4.25 -17.07 1.33
CA ARG B 98 -5.46 -16.90 2.12
C ARG B 98 -6.46 -18.02 1.89
N ALA B 99 -6.50 -18.55 0.68
CA ALA B 99 -7.43 -19.64 0.35
C ALA B 99 -6.92 -20.98 0.84
N GLY B 100 -5.62 -21.07 1.09
CA GLY B 100 -5.04 -22.31 1.56
C GLY B 100 -4.65 -23.24 0.44
N ILE B 101 -4.36 -22.68 -0.74
CA ILE B 101 -3.95 -23.49 -1.88
C ILE B 101 -2.58 -23.02 -2.36
N LEU B 102 -2.05 -23.69 -3.38
CA LEU B 102 -0.73 -23.34 -3.91
C LEU B 102 -0.75 -22.27 -4.98
N ALA B 103 0.34 -21.50 -5.04
CA ALA B 103 0.51 -20.47 -6.04
C ALA B 103 1.75 -20.89 -6.82
N ILE B 104 1.58 -21.22 -8.09
CA ILE B 104 2.69 -21.65 -8.93
C ILE B 104 3.12 -20.58 -9.91
N VAL B 105 4.42 -20.28 -9.92
CA VAL B 105 4.98 -19.28 -10.82
C VAL B 105 5.99 -19.94 -11.74
N VAL B 106 5.67 -20.00 -13.04
CA VAL B 106 6.55 -20.62 -14.03
C VAL B 106 7.37 -19.59 -14.80
N LEU B 107 8.68 -19.70 -14.71
CA LEU B 107 9.58 -18.77 -15.37
C LEU B 107 10.71 -19.44 -16.15
N PRO B 108 11.27 -18.75 -17.15
CA PRO B 108 12.38 -19.25 -17.96
C PRO B 108 13.63 -19.50 -17.12
N ALA B 109 14.60 -20.18 -17.70
CA ALA B 109 15.86 -20.50 -17.01
C ALA B 109 16.56 -19.28 -16.44
N GLY B 110 16.22 -18.10 -16.95
CA GLY B 110 16.84 -16.87 -16.46
C GLY B 110 16.95 -16.82 -14.94
N TYR B 111 18.04 -16.24 -14.43
CA TYR B 111 18.25 -16.14 -12.99
C TYR B 111 17.16 -15.28 -12.36
N ALA B 113 16.30 -11.78 -10.65
CA ALA B 113 16.37 -10.88 -9.51
C ALA B 113 15.31 -11.26 -8.48
N LEU B 114 15.74 -11.57 -7.27
CA LEU B 114 14.84 -11.95 -6.20
C LEU B 114 13.77 -10.89 -5.96
N GLY B 115 14.16 -9.62 -6.14
CA GLY B 115 13.21 -8.54 -5.94
C GLY B 115 11.96 -8.66 -6.78
N LYS B 116 12.07 -9.31 -7.93
CA LYS B 116 10.93 -9.48 -8.83
C LYS B 116 9.92 -10.49 -8.31
N VAL B 117 10.34 -11.38 -7.42
CA VAL B 117 9.42 -12.39 -6.90
C VAL B 117 9.43 -12.55 -5.38
N ALA B 118 10.22 -11.74 -4.69
CA ALA B 118 10.31 -11.83 -3.23
C ALA B 118 8.93 -11.72 -2.57
N GLN B 119 8.08 -10.83 -3.08
CA GLN B 119 6.76 -10.68 -2.49
C GLN B 119 5.92 -11.94 -2.68
N SER B 120 6.02 -12.58 -3.84
CA SER B 120 5.24 -13.79 -4.05
C SER B 120 5.81 -14.90 -3.15
N LEU B 121 7.13 -14.92 -2.99
CA LEU B 121 7.78 -15.93 -2.16
C LEU B 121 7.43 -15.81 -0.68
N VAL B 122 7.33 -14.59 -0.17
CA VAL B 122 7.01 -14.42 1.24
C VAL B 122 5.64 -15.04 1.56
N HIS B 123 4.77 -15.08 0.55
CA HIS B 123 3.44 -15.67 0.73
C HIS B 123 3.48 -17.19 0.53
N GLY B 124 4.64 -17.70 0.16
CA GLY B 124 4.80 -19.13 -0.03
C GLY B 124 4.60 -19.66 -1.44
N ALA B 125 4.72 -18.80 -2.44
CA ALA B 125 4.56 -19.21 -3.82
C ALA B 125 5.64 -20.21 -4.21
N ARG B 126 5.31 -21.12 -5.12
CA ARG B 126 6.27 -22.11 -5.56
C ARG B 126 6.76 -21.70 -6.95
N ILE B 127 8.03 -21.32 -7.04
CA ILE B 127 8.61 -20.91 -8.30
C ILE B 127 9.21 -22.12 -9.02
N VAL B 128 8.86 -22.25 -10.30
CA VAL B 128 9.37 -23.34 -11.11
C VAL B 128 10.07 -22.72 -12.31
N GLN B 129 11.39 -22.94 -12.39
CA GLN B 129 12.18 -22.40 -13.48
C GLN B 129 12.41 -23.50 -14.52
N VAL B 130 12.13 -23.18 -15.78
CA VAL B 130 12.29 -24.15 -16.86
C VAL B 130 13.44 -23.78 -17.79
N GLU B 131 14.11 -24.80 -18.32
CA GLU B 131 15.22 -24.59 -19.23
C GLU B 131 14.68 -24.32 -20.63
N GLY B 132 14.13 -23.13 -20.81
CA GLY B 132 13.55 -22.73 -22.08
C GLY B 132 13.30 -21.24 -22.05
N ASN B 133 12.57 -20.72 -23.04
CA ASN B 133 12.29 -19.29 -23.10
C ASN B 133 10.90 -18.94 -22.57
N PHE B 134 10.51 -17.68 -22.76
CA PHE B 134 9.21 -17.20 -22.30
C PHE B 134 8.04 -17.99 -22.88
N ASP B 135 8.08 -18.25 -24.18
CA ASP B 135 7.01 -19.00 -24.82
C ASP B 135 6.86 -20.38 -24.18
N ASP B 136 7.98 -21.06 -23.96
CA ASP B 136 7.98 -22.37 -23.34
C ASP B 136 7.26 -22.32 -21.99
N ALA B 137 7.62 -21.33 -21.19
CA ALA B 137 7.02 -21.16 -19.86
C ALA B 137 5.52 -20.91 -19.98
N LEU B 138 5.14 -20.02 -20.88
CA LEU B 138 3.74 -19.68 -21.11
C LEU B 138 2.98 -20.92 -21.57
N ARG B 139 3.52 -21.58 -22.59
CA ARG B 139 2.91 -22.78 -23.14
C ARG B 139 2.76 -23.88 -22.09
N LEU B 140 3.82 -24.10 -21.31
CA LEU B 140 3.80 -25.12 -20.27
C LEU B 140 2.78 -24.76 -19.19
N THR B 141 2.69 -23.48 -18.87
CA THR B 141 1.75 -23.04 -17.84
C THR B 141 0.31 -23.27 -18.30
N GLN B 142 0.07 -23.08 -19.59
CA GLN B 142 -1.27 -23.30 -20.13
C GLN B 142 -1.65 -24.78 -20.06
N LYS B 143 -0.74 -25.63 -20.53
CA LYS B 143 -1.01 -27.06 -20.50
C LYS B 143 -1.16 -27.56 -19.08
N LEU B 144 -0.40 -26.96 -18.17
CA LEU B 144 -0.46 -27.35 -16.77
C LEU B 144 -1.87 -27.14 -16.23
N THR B 145 -2.46 -25.99 -16.54
CA THR B 145 -3.80 -25.67 -16.05
C THR B 145 -4.89 -26.42 -16.80
N GLU B 146 -4.54 -27.04 -17.93
CA GLU B 146 -5.52 -27.80 -18.70
C GLU B 146 -5.52 -29.27 -18.26
N ALA B 147 -4.37 -29.75 -17.81
CA ALA B 147 -4.25 -31.14 -17.38
C ALA B 147 -4.44 -31.35 -15.88
N PHE B 148 -3.96 -30.41 -15.07
CA PHE B 148 -4.06 -30.54 -13.62
C PHE B 148 -5.08 -29.57 -13.01
N PRO B 149 -5.54 -29.85 -11.77
CA PRO B 149 -6.52 -29.00 -11.08
C PRO B 149 -5.88 -27.70 -10.63
N VAL B 150 -5.44 -26.92 -11.62
CA VAL B 150 -4.80 -25.65 -11.39
C VAL B 150 -5.48 -24.60 -12.25
N ALA B 151 -5.81 -23.46 -11.65
CA ALA B 151 -6.46 -22.39 -12.39
C ALA B 151 -5.43 -21.42 -12.93
N LEU B 152 -5.58 -21.05 -14.20
CA LEU B 152 -4.67 -20.11 -14.84
C LEU B 152 -5.18 -18.72 -14.47
N VAL B 153 -4.39 -17.97 -13.72
CA VAL B 153 -4.82 -16.63 -13.32
C VAL B 153 -4.08 -15.50 -14.03
N ASN B 154 -3.97 -15.61 -15.36
CA ASN B 154 -3.31 -14.58 -16.16
C ASN B 154 -4.32 -13.51 -16.55
N SER B 155 -3.86 -12.50 -17.29
CA SER B 155 -4.70 -11.38 -17.69
C SER B 155 -6.03 -11.68 -18.38
N VAL B 156 -6.13 -12.82 -19.07
CA VAL B 156 -7.36 -13.14 -19.78
C VAL B 156 -8.31 -14.07 -19.02
N ASN B 157 -7.96 -14.41 -17.78
CA ASN B 157 -8.84 -15.25 -16.98
C ASN B 157 -10.13 -14.41 -16.93
N PRO B 158 -11.27 -14.98 -17.34
CA PRO B 158 -12.52 -14.24 -17.33
C PRO B 158 -12.91 -13.64 -15.98
N HIS B 159 -12.59 -14.33 -14.90
CA HIS B 159 -12.93 -13.82 -13.58
C HIS B 159 -12.04 -12.67 -13.17
N ARG B 160 -10.80 -12.66 -13.65
CA ARG B 160 -9.92 -11.54 -13.32
C ARG B 160 -10.48 -10.29 -13.98
N LEU B 161 -10.97 -10.44 -15.20
CA LEU B 161 -11.53 -9.29 -15.91
C LEU B 161 -12.78 -8.79 -15.20
N GLU B 162 -13.66 -9.72 -14.79
CA GLU B 162 -14.89 -9.32 -14.10
C GLU B 162 -14.59 -8.65 -12.76
N GLY B 163 -13.60 -9.18 -12.03
CA GLY B 163 -13.25 -8.59 -10.76
C GLY B 163 -12.68 -7.19 -10.96
N GLN B 164 -11.83 -7.05 -11.97
CA GLN B 164 -11.21 -5.76 -12.25
C GLN B 164 -12.21 -4.70 -12.72
N LYS B 165 -13.36 -5.14 -13.25
CA LYS B 165 -14.38 -4.21 -13.74
C LYS B 165 -14.98 -3.38 -12.60
N THR B 166 -14.87 -3.89 -11.38
CA THR B 166 -15.42 -3.19 -10.21
C THR B 166 -14.80 -1.83 -9.97
N LEU B 167 -13.62 -1.58 -10.54
CA LEU B 167 -12.99 -0.28 -10.36
C LEU B 167 -13.92 0.79 -10.91
N ALA B 168 -14.52 0.53 -12.07
CA ALA B 168 -15.44 1.47 -12.70
C ALA B 168 -16.65 1.68 -11.80
N PHE B 169 -17.16 0.60 -11.22
CA PHE B 169 -18.31 0.67 -10.33
C PHE B 169 -18.01 1.65 -9.19
N GLU B 170 -16.83 1.51 -8.58
CA GLU B 170 -16.45 2.37 -7.46
C GLU B 170 -16.32 3.83 -7.86
N VAL B 171 -15.77 4.07 -9.05
CA VAL B 171 -15.61 5.44 -9.53
C VAL B 171 -16.98 6.09 -9.69
N VAL B 172 -17.91 5.36 -10.32
CA VAL B 172 -19.26 5.89 -10.52
C VAL B 172 -19.97 6.08 -9.18
N ASP B 173 -19.82 5.11 -8.29
CA ASP B 173 -20.46 5.18 -6.98
C ASP B 173 -20.04 6.46 -6.24
N GLU B 174 -18.76 6.79 -6.32
CA GLU B 174 -18.25 7.96 -5.60
C GLU B 174 -18.48 9.30 -6.29
N LEU B 175 -18.29 9.35 -7.61
CA LEU B 175 -18.50 10.60 -8.35
C LEU B 175 -19.99 10.88 -8.56
N GLY B 176 -20.80 9.82 -8.57
CA GLY B 176 -22.22 9.98 -8.79
C GLY B 176 -22.60 9.79 -10.24
N ASP B 177 -21.57 9.60 -11.07
CA ASP B 177 -21.75 9.41 -12.50
C ASP B 177 -20.39 8.99 -13.03
N ALA B 178 -20.33 8.57 -14.29
CA ALA B 178 -19.06 8.19 -14.89
C ALA B 178 -18.34 9.48 -15.27
N PRO B 179 -17.00 9.45 -15.30
CA PRO B 179 -16.22 10.64 -15.66
C PRO B 179 -16.27 10.83 -17.18
N HIS B 180 -15.92 12.02 -17.65
CA HIS B 180 -15.92 12.29 -19.08
C HIS B 180 -14.82 11.45 -19.73
N TYR B 181 -13.71 11.30 -19.02
CA TYR B 181 -12.58 10.53 -19.52
C TYR B 181 -12.00 9.63 -18.42
N HIS B 182 -11.42 8.51 -18.81
CA HIS B 182 -10.77 7.64 -17.86
C HIS B 182 -9.48 7.15 -18.50
N ALA B 183 -8.36 7.57 -17.93
CA ALA B 183 -7.05 7.22 -18.44
C ALA B 183 -6.40 6.15 -17.57
N LEU B 184 -5.65 5.26 -18.22
CA LEU B 184 -4.95 4.20 -17.49
C LEU B 184 -3.84 3.63 -18.35
N PRO B 185 -2.90 2.90 -17.72
CA PRO B 185 -1.79 2.31 -18.46
C PRO B 185 -2.29 1.07 -19.19
N VAL B 186 -1.60 0.70 -20.26
CA VAL B 186 -1.97 -0.48 -21.03
C VAL B 186 -0.76 -1.37 -21.26
N GLY B 187 -0.78 -2.56 -20.65
CA GLY B 187 0.29 -3.52 -20.80
C GLY B 187 -0.26 -4.69 -21.61
N ASN B 188 -0.88 -5.64 -20.92
CA ASN B 188 -1.49 -6.78 -21.59
C ASN B 188 -2.91 -6.40 -22.02
N ALA B 189 -3.32 -5.20 -21.62
CA ALA B 189 -4.63 -4.63 -21.97
C ALA B 189 -5.85 -5.24 -21.29
N GLY B 190 -5.64 -6.10 -20.31
CA GLY B 190 -6.77 -6.69 -19.62
C GLY B 190 -7.49 -5.64 -18.77
N ASN B 191 -6.72 -4.71 -18.21
CA ASN B 191 -7.28 -3.67 -17.35
C ASN B 191 -8.19 -2.70 -18.11
N ILE B 192 -7.75 -2.22 -19.27
CA ILE B 192 -8.58 -1.29 -20.03
C ILE B 192 -9.84 -2.02 -20.51
N THR B 193 -9.70 -3.31 -20.80
CA THR B 193 -10.83 -4.13 -21.25
C THR B 193 -11.83 -4.23 -20.09
N ALA B 194 -11.32 -4.52 -18.90
CA ALA B 194 -12.16 -4.65 -17.70
C ALA B 194 -12.83 -3.33 -17.34
N HIS B 195 -12.09 -2.23 -17.46
CA HIS B 195 -12.65 -0.91 -17.15
C HIS B 195 -13.89 -0.64 -17.99
N TRP B 196 -13.76 -0.86 -19.30
CA TRP B 196 -14.87 -0.65 -20.23
C TRP B 196 -16.03 -1.58 -19.90
N MET B 197 -15.73 -2.82 -19.58
CA MET B 197 -16.77 -3.80 -19.22
C MET B 197 -17.56 -3.27 -18.03
N GLY B 198 -16.84 -2.69 -17.07
CA GLY B 198 -17.47 -2.15 -15.87
C GLY B 198 -18.40 -1.00 -16.20
N TYR B 199 -17.96 -0.08 -17.04
CA TYR B 199 -18.80 1.05 -17.41
C TYR B 199 -20.02 0.57 -18.20
N LYS B 200 -19.86 -0.46 -19.03
CA LYS B 200 -21.00 -0.98 -19.78
C LYS B 200 -22.03 -1.58 -18.84
N ALA B 201 -21.57 -2.39 -17.88
CA ALA B 201 -22.47 -3.02 -16.93
C ALA B 201 -23.24 -1.98 -16.10
N TYR B 202 -22.54 -0.95 -15.64
CA TYR B 202 -23.19 0.09 -14.85
C TYR B 202 -24.10 0.94 -15.73
N HIS B 203 -23.81 1.00 -17.02
CA HIS B 203 -24.68 1.73 -17.94
C HIS B 203 -26.00 0.98 -18.03
N ALA B 204 -25.93 -0.34 -18.13
CA ALA B 204 -27.13 -1.17 -18.22
C ALA B 204 -28.02 -1.00 -16.99
N LEU B 205 -27.39 -0.72 -15.85
CA LEU B 205 -28.13 -0.51 -14.60
C LEU B 205 -28.65 0.92 -14.49
N GLY B 206 -28.11 1.81 -15.31
CA GLY B 206 -28.53 3.21 -15.27
C GLY B 206 -27.72 4.03 -14.29
N LYS B 207 -26.69 3.43 -13.72
CA LYS B 207 -25.83 4.09 -12.74
C LYS B 207 -24.95 5.15 -13.39
N ALA B 208 -24.46 4.85 -14.58
CA ALA B 208 -23.62 5.78 -15.31
C ALA B 208 -24.49 6.53 -16.32
N LYS B 209 -24.57 7.84 -16.18
CA LYS B 209 -25.37 8.67 -17.08
C LYS B 209 -24.60 9.11 -18.33
N ARG B 210 -23.43 8.53 -18.53
CA ARG B 210 -22.59 8.81 -19.69
C ARG B 210 -21.52 7.74 -19.69
N LEU B 211 -20.89 7.51 -20.84
CA LEU B 211 -19.82 6.53 -20.93
C LEU B 211 -18.53 7.31 -21.10
N PRO B 212 -17.49 6.99 -20.33
CA PRO B 212 -16.23 7.73 -20.46
C PRO B 212 -15.50 7.39 -21.75
N ARG B 213 -14.70 8.33 -22.24
CA ARG B 213 -13.89 8.05 -23.41
C ARG B 213 -12.67 7.42 -22.73
N MET B 214 -12.33 6.20 -23.12
CA MET B 214 -11.19 5.51 -22.52
C MET B 214 -9.88 5.93 -23.15
N LEU B 215 -8.96 6.40 -22.31
CA LEU B 215 -7.65 6.87 -22.79
C LEU B 215 -6.56 5.94 -22.26
N GLY B 216 -6.08 5.05 -23.13
CA GLY B 216 -5.04 4.13 -22.72
C GLY B 216 -3.68 4.61 -23.17
N PHE B 217 -2.65 4.38 -22.35
CA PHE B 217 -1.32 4.82 -22.72
C PHE B 217 -0.27 3.73 -22.54
N GLN B 218 0.64 3.68 -23.51
CA GLN B 218 1.72 2.70 -23.50
C GLN B 218 3.06 3.42 -23.55
N ALA B 219 4.11 2.74 -23.10
CA ALA B 219 5.45 3.31 -23.14
C ALA B 219 5.87 3.23 -24.60
N ALA B 220 6.47 4.31 -25.11
CA ALA B 220 6.90 4.36 -26.51
C ALA B 220 7.73 3.16 -26.96
N GLY B 221 8.54 2.62 -26.05
CA GLY B 221 9.37 1.48 -26.39
C GLY B 221 8.63 0.16 -26.39
N ALA B 222 7.37 0.19 -25.98
CA ALA B 222 6.53 -1.00 -25.93
C ALA B 222 5.09 -0.59 -26.22
N ALA B 223 4.86 -0.09 -27.43
CA ALA B 223 3.53 0.36 -27.82
C ALA B 223 2.94 -0.37 -29.02
N PRO B 224 2.79 -1.70 -28.93
CA PRO B 224 2.23 -2.45 -30.05
C PRO B 224 0.83 -2.01 -30.45
N LEU B 225 0.01 -1.64 -29.48
CA LEU B 225 -1.35 -1.20 -29.77
C LEU B 225 -1.35 0.18 -30.42
N VAL B 226 -0.23 0.88 -30.29
CA VAL B 226 -0.09 2.20 -30.88
C VAL B 226 0.47 2.04 -32.29
N LEU B 227 1.49 1.20 -32.42
CA LEU B 227 2.12 0.94 -33.71
C LEU B 227 1.21 0.14 -34.64
N GLY B 228 0.26 -0.59 -34.06
CA GLY B 228 -0.65 -1.39 -34.85
C GLY B 228 -0.16 -2.79 -35.10
N ARG B 229 0.95 -3.15 -34.46
CA ARG B 229 1.52 -4.49 -34.61
C ARG B 229 2.43 -4.84 -33.44
N PRO B 230 2.66 -6.13 -33.22
CA PRO B 230 3.51 -6.60 -32.12
C PRO B 230 4.90 -5.96 -32.09
N VAL B 231 5.46 -5.85 -30.90
CA VAL B 231 6.80 -5.30 -30.71
C VAL B 231 7.64 -6.45 -30.20
N GLU B 232 8.56 -6.93 -31.03
CA GLU B 232 9.41 -8.06 -30.68
C GLU B 232 10.31 -7.83 -29.47
N ARG B 233 10.85 -6.63 -29.35
CA ARG B 233 11.73 -6.31 -28.23
C ARG B 233 11.21 -5.09 -27.46
N PRO B 234 10.19 -5.30 -26.62
CA PRO B 234 9.63 -4.18 -25.85
C PRO B 234 10.64 -3.65 -24.85
N GLU B 235 10.80 -2.33 -24.81
CA GLU B 235 11.74 -1.68 -23.90
C GLU B 235 11.11 -0.49 -23.18
N THR B 236 11.34 -0.41 -21.88
CA THR B 236 10.85 0.68 -21.05
C THR B 236 11.14 0.40 -19.60
N LEU B 237 11.40 1.47 -18.83
CA LEU B 237 11.68 1.33 -17.42
C LEU B 237 10.38 0.95 -16.69
N ALA B 238 9.25 1.19 -17.34
CA ALA B 238 7.95 0.87 -16.76
C ALA B 238 7.66 -0.62 -16.95
N THR B 239 8.31 -1.43 -16.12
CA THR B 239 8.20 -2.89 -16.16
C THR B 239 6.78 -3.45 -16.30
N ALA B 240 5.84 -2.96 -15.50
CA ALA B 240 4.47 -3.45 -15.54
C ALA B 240 3.79 -3.38 -16.90
N ILE B 241 4.26 -2.53 -17.80
CA ILE B 241 3.64 -2.43 -19.12
C ILE B 241 4.61 -2.70 -20.27
N ARG B 242 5.73 -3.33 -19.95
CA ARG B 242 6.72 -3.68 -20.96
C ARG B 242 6.27 -4.96 -21.65
N ILE B 243 5.21 -4.85 -22.45
CA ILE B 243 4.64 -5.99 -23.15
C ILE B 243 4.58 -5.72 -24.66
N GLY B 244 5.08 -6.68 -25.44
CA GLY B 244 5.10 -6.52 -26.89
C GLY B 244 3.90 -7.05 -27.65
N ASN B 245 3.16 -7.98 -27.06
CA ASN B 245 1.99 -8.55 -27.72
C ASN B 245 0.89 -8.79 -26.68
N PRO B 246 0.13 -7.73 -26.34
CA PRO B 246 -0.96 -7.80 -25.36
C PRO B 246 -1.98 -8.92 -25.58
N ALA B 247 -2.18 -9.72 -24.54
CA ALA B 247 -3.11 -10.84 -24.58
C ALA B 247 -4.55 -10.40 -24.85
N SER B 248 -4.92 -9.19 -24.40
CA SER B 248 -6.28 -8.68 -24.61
C SER B 248 -6.30 -7.63 -25.70
N TRP B 249 -5.55 -7.86 -26.76
CA TRP B 249 -5.45 -6.91 -27.87
C TRP B 249 -6.82 -6.45 -28.38
N GLN B 250 -7.65 -7.41 -28.78
CA GLN B 250 -8.97 -7.07 -29.31
C GLN B 250 -9.89 -6.36 -28.32
N GLY B 251 -9.81 -6.76 -27.05
CA GLY B 251 -10.64 -6.12 -26.04
C GLY B 251 -10.27 -4.65 -25.90
N ALA B 252 -8.97 -4.36 -26.02
CA ALA B 252 -8.48 -3.00 -25.91
C ALA B 252 -8.94 -2.15 -27.09
N VAL B 253 -8.86 -2.71 -28.29
CA VAL B 253 -9.27 -1.97 -29.48
C VAL B 253 -10.77 -1.65 -29.41
N ARG B 254 -11.55 -2.62 -28.97
CA ARG B 254 -13.00 -2.40 -28.85
C ARG B 254 -13.30 -1.30 -27.84
N ALA B 255 -12.60 -1.32 -26.72
CA ALA B 255 -12.80 -0.32 -25.68
C ALA B 255 -12.49 1.06 -26.24
N LYS B 256 -11.38 1.15 -26.98
CA LYS B 256 -10.96 2.40 -27.59
C LYS B 256 -12.00 2.91 -28.59
N GLU B 257 -12.35 2.04 -29.54
CA GLU B 257 -13.32 2.39 -30.58
C GLU B 257 -14.72 2.68 -30.03
N GLU B 258 -15.26 1.75 -29.27
CA GLU B 258 -16.60 1.90 -28.71
C GLU B 258 -16.76 3.13 -27.82
N SER B 259 -15.72 3.47 -27.07
CA SER B 259 -15.78 4.61 -26.15
C SER B 259 -15.41 5.93 -26.79
N GLY B 260 -14.85 5.87 -28.00
CA GLY B 260 -14.42 7.08 -28.67
C GLY B 260 -13.18 7.60 -27.97
N GLY B 261 -12.36 6.66 -27.49
CA GLY B 261 -11.14 7.04 -26.80
C GLY B 261 -9.92 6.84 -27.67
N VAL B 262 -8.76 6.64 -27.04
CA VAL B 262 -7.53 6.44 -27.76
C VAL B 262 -6.55 5.57 -26.99
N ILE B 263 -5.52 5.13 -27.68
CA ILE B 263 -4.44 4.35 -27.07
C ILE B 263 -3.21 4.95 -27.73
N GLU B 264 -2.47 5.75 -26.96
CA GLU B 264 -1.29 6.41 -27.47
C GLU B 264 -0.05 6.15 -26.63
N ALA B 265 1.09 6.60 -27.13
CA ALA B 265 2.36 6.37 -26.45
C ALA B 265 2.94 7.59 -25.74
N VAL B 266 3.70 7.31 -24.68
CA VAL B 266 4.38 8.34 -23.92
C VAL B 266 5.80 7.82 -23.71
N THR B 267 6.78 8.72 -23.79
CA THR B 267 8.18 8.32 -23.62
C THR B 267 8.53 8.03 -22.17
N ASP B 268 9.63 7.30 -21.97
CA ASP B 268 10.09 6.99 -20.62
C ASP B 268 10.38 8.28 -19.87
N GLU B 269 10.84 9.29 -20.60
CA GLU B 269 11.14 10.58 -19.99
C GLU B 269 9.84 11.21 -19.50
N GLU B 270 8.78 11.11 -20.31
CA GLU B 270 7.49 11.66 -19.92
C GLU B 270 6.92 10.87 -18.74
N ILE B 271 7.20 9.57 -18.71
CA ILE B 271 6.72 8.72 -17.62
C ILE B 271 7.36 9.21 -16.31
N LEU B 272 8.69 9.33 -16.32
CA LEU B 272 9.40 9.79 -15.13
C LEU B 272 8.94 11.17 -14.70
N PHE B 273 8.65 12.03 -15.67
CA PHE B 273 8.18 13.36 -15.36
C PHE B 273 6.86 13.30 -14.59
N ALA B 274 5.95 12.46 -15.07
CA ALA B 274 4.65 12.30 -14.41
C ALA B 274 4.80 11.62 -13.04
N TYR B 275 5.73 10.68 -12.97
CA TYR B 275 6.03 9.94 -11.74
C TYR B 275 6.46 10.95 -10.67
N ARG B 276 7.40 11.82 -11.04
CA ARG B 276 7.90 12.84 -10.12
C ARG B 276 6.80 13.85 -9.77
N TYR B 277 6.01 14.24 -10.77
CA TYR B 277 4.94 15.20 -10.55
C TYR B 277 3.96 14.72 -9.48
N LEU B 278 3.45 13.50 -9.66
CA LEU B 278 2.50 12.94 -8.72
C LEU B 278 3.05 12.91 -7.29
N ALA B 279 4.31 12.50 -7.16
CA ALA B 279 4.92 12.43 -5.84
C ALA B 279 5.22 13.79 -5.23
N ARG B 280 5.86 14.66 -6.03
CA ARG B 280 6.24 15.98 -5.57
C ARG B 280 5.15 17.04 -5.49
N GLU B 281 4.13 16.92 -6.34
CA GLU B 281 3.06 17.91 -6.35
C GLU B 281 1.73 17.45 -5.77
N GLU B 282 1.45 16.16 -5.86
CA GLU B 282 0.18 15.63 -5.34
C GLU B 282 0.35 14.75 -4.10
N GLY B 283 1.59 14.36 -3.81
CA GLY B 283 1.84 13.53 -2.64
C GLY B 283 1.50 12.06 -2.89
N ILE B 284 1.41 11.69 -4.16
CA ILE B 284 1.06 10.33 -4.56
C ILE B 284 2.27 9.59 -5.13
N PHE B 285 2.65 8.51 -4.45
CA PHE B 285 3.78 7.68 -4.84
C PHE B 285 3.26 6.42 -5.53
N CYS B 286 3.40 6.38 -6.86
CA CYS B 286 2.94 5.23 -7.62
C CYS B 286 4.07 4.62 -8.45
N GLU B 287 3.84 3.41 -8.96
CA GLU B 287 4.81 2.71 -9.78
C GLU B 287 4.95 3.49 -11.10
N PRO B 288 6.15 3.49 -11.71
CA PRO B 288 6.35 4.21 -12.97
C PRO B 288 5.30 3.88 -14.04
N ALA B 289 4.97 2.60 -14.18
CA ALA B 289 3.97 2.20 -15.18
C ALA B 289 2.67 2.94 -14.93
N SER B 290 2.31 3.10 -13.66
CA SER B 290 1.09 3.80 -13.28
C SER B 290 1.17 5.25 -13.75
N ALA B 291 2.35 5.85 -13.59
CA ALA B 291 2.55 7.23 -13.98
C ALA B 291 2.31 7.45 -15.48
N ALA B 292 2.33 6.37 -16.25
CA ALA B 292 2.10 6.48 -17.69
C ALA B 292 0.72 7.10 -17.93
N ALA B 293 -0.21 6.84 -17.03
CA ALA B 293 -1.56 7.38 -17.15
C ALA B 293 -1.53 8.91 -17.04
N MET B 294 -0.74 9.41 -16.09
CA MET B 294 -0.63 10.85 -15.88
C MET B 294 0.13 11.46 -17.06
N ALA B 295 1.17 10.76 -17.52
CA ALA B 295 1.95 11.24 -18.65
C ALA B 295 1.00 11.40 -19.85
N GLY B 296 0.05 10.48 -19.95
CA GLY B 296 -0.91 10.52 -21.04
C GLY B 296 -1.78 11.75 -20.96
N VAL B 297 -2.25 12.06 -19.76
CA VAL B 297 -3.09 13.23 -19.56
C VAL B 297 -2.30 14.50 -19.85
N PHE B 298 -1.02 14.53 -19.45
CA PHE B 298 -0.17 15.69 -19.72
C PHE B 298 -0.10 15.90 -21.22
N LYS B 299 0.08 14.81 -21.95
CA LYS B 299 0.18 14.84 -23.41
C LYS B 299 -1.07 15.43 -24.06
N LEU B 300 -2.23 14.92 -23.69
CA LEU B 300 -3.48 15.43 -24.26
C LEU B 300 -3.74 16.86 -23.83
N LEU B 301 -3.29 17.22 -22.63
CA LEU B 301 -3.48 18.58 -22.13
C LEU B 301 -2.70 19.59 -22.95
N ARG B 302 -1.42 19.30 -23.23
CA ARG B 302 -0.64 20.24 -24.00
C ARG B 302 -1.06 20.27 -25.47
N GLU B 303 -1.73 19.21 -25.93
CA GLU B 303 -2.21 19.16 -27.30
C GLU B 303 -3.62 19.75 -27.38
N GLY B 304 -4.14 20.15 -26.23
CA GLY B 304 -5.47 20.73 -26.18
C GLY B 304 -6.55 19.77 -26.62
N ARG B 305 -6.44 18.51 -26.20
CA ARG B 305 -7.43 17.50 -26.59
C ARG B 305 -8.42 17.09 -25.50
N LEU B 306 -8.47 17.81 -24.40
CA LEU B 306 -9.41 17.49 -23.33
C LEU B 306 -10.38 18.67 -23.17
N GLU B 307 -11.67 18.40 -23.31
CA GLU B 307 -12.68 19.45 -23.19
C GLU B 307 -12.63 20.14 -21.85
N PRO B 308 -12.72 21.48 -21.85
CA PRO B 308 -12.69 22.24 -20.60
C PRO B 308 -13.85 21.84 -19.70
N GLU B 309 -13.68 22.05 -18.40
CA GLU B 309 -14.72 21.73 -17.43
C GLU B 309 -15.05 20.24 -17.31
N SER B 310 -14.22 19.40 -17.91
CA SER B 310 -14.47 17.96 -17.84
C SER B 310 -13.83 17.30 -16.63
N THR B 311 -14.28 16.08 -16.34
CA THR B 311 -13.75 15.30 -15.24
C THR B 311 -12.94 14.15 -15.82
N VAL B 312 -11.71 14.01 -15.34
CA VAL B 312 -10.82 12.97 -15.81
C VAL B 312 -10.38 12.09 -14.64
N VAL B 313 -10.57 10.79 -14.76
CA VAL B 313 -10.14 9.86 -13.72
C VAL B 313 -8.94 9.09 -14.26
N LEU B 314 -7.96 8.88 -13.40
CA LEU B 314 -6.77 8.13 -13.80
C LEU B 314 -6.62 6.93 -12.87
N THR B 315 -6.38 5.77 -13.46
CA THR B 315 -6.17 4.59 -12.64
C THR B 315 -4.66 4.44 -12.43
N LEU B 316 -4.21 4.67 -11.21
CA LEU B 316 -2.80 4.52 -10.88
C LEU B 316 -2.72 3.08 -10.37
N THR B 317 -2.31 2.19 -11.26
CA THR B 317 -2.24 0.75 -11.02
C THR B 317 -1.42 0.15 -9.88
N GLY B 318 -0.28 0.73 -9.54
CA GLY B 318 0.54 0.14 -8.50
C GLY B 318 1.19 1.14 -7.57
N HIS B 319 1.58 0.69 -6.39
CA HIS B 319 2.21 1.58 -5.42
C HIS B 319 3.68 1.80 -5.72
N GLY B 320 4.16 3.00 -5.40
CA GLY B 320 5.56 3.31 -5.64
C GLY B 320 6.51 2.38 -4.93
N LEU B 321 6.06 1.77 -3.83
CA LEU B 321 6.89 0.85 -3.08
C LEU B 321 7.21 -0.43 -3.86
N LYS B 322 6.51 -0.60 -4.98
CA LYS B 322 6.72 -1.76 -5.84
C LYS B 322 8.03 -1.66 -6.60
N ASP B 323 8.50 -0.43 -6.81
CA ASP B 323 9.73 -0.22 -7.57
C ASP B 323 10.80 0.63 -6.86
N PRO B 324 11.44 0.07 -5.83
CA PRO B 324 12.47 0.83 -5.13
C PRO B 324 13.66 1.19 -6.01
N ALA B 325 13.93 0.37 -7.02
CA ALA B 325 15.03 0.61 -7.94
C ALA B 325 14.89 1.98 -8.60
N THR B 326 13.73 2.24 -9.19
CA THR B 326 13.49 3.52 -9.84
C THR B 326 13.49 4.67 -8.84
N ALA B 327 12.92 4.42 -7.66
CA ALA B 327 12.87 5.46 -6.62
C ALA B 327 14.29 5.88 -6.27
N GLU B 328 15.17 4.90 -6.09
CA GLU B 328 16.56 5.20 -5.73
C GLU B 328 17.29 5.88 -6.88
N ARG B 329 16.95 5.52 -8.11
CA ARG B 329 17.56 6.13 -9.29
C ARG B 329 17.15 7.59 -9.40
N VAL B 330 15.88 7.89 -9.10
CA VAL B 330 15.37 9.25 -9.17
C VAL B 330 15.77 10.10 -7.94
N ALA B 331 16.01 9.43 -6.83
CA ALA B 331 16.39 10.11 -5.60
C ALA B 331 17.82 10.65 -5.66
N GLU B 332 18.04 11.77 -4.99
CA GLU B 332 19.35 12.41 -4.94
C GLU B 332 19.64 12.91 -3.53
N LEU B 333 20.68 12.35 -2.90
CA LEU B 333 21.06 12.77 -1.56
C LEU B 333 22.09 13.89 -1.65
N PRO B 334 21.72 15.10 -1.19
CA PRO B 334 22.62 16.26 -1.24
C PRO B 334 23.85 16.04 -0.36
N PRO B 335 24.99 16.63 -0.74
CA PRO B 335 26.22 16.48 0.06
C PRO B 335 26.04 17.15 1.43
N PRO B 336 26.77 16.66 2.44
CA PRO B 336 26.70 17.21 3.80
C PRO B 336 27.05 18.69 3.88
N VAL B 337 26.56 19.34 4.93
CA VAL B 337 26.83 20.75 5.18
C VAL B 337 27.22 20.87 6.65
N PRO B 338 27.89 21.97 7.03
CA PRO B 338 28.29 22.15 8.43
C PRO B 338 27.10 22.01 9.37
N ALA B 339 27.38 21.68 10.63
CA ALA B 339 26.33 21.50 11.62
C ALA B 339 25.91 22.76 12.39
N ARG B 340 25.37 23.74 11.69
CA ARG B 340 24.89 24.97 12.31
C ARG B 340 23.69 25.52 11.55
N LEU B 341 22.69 26.01 12.29
CA LEU B 341 21.47 26.55 11.72
C LEU B 341 21.65 27.26 10.39
N GLU B 342 22.68 28.10 10.31
CA GLU B 342 22.97 28.86 9.10
C GLU B 342 22.77 28.12 7.78
N ALA B 343 23.71 27.23 7.43
CA ALA B 343 23.61 26.51 6.17
C ALA B 343 22.53 25.41 6.15
N VAL B 344 22.01 25.05 7.32
CA VAL B 344 20.94 24.04 7.36
C VAL B 344 19.69 24.73 6.81
N ALA B 345 19.46 25.96 7.24
CA ALA B 345 18.31 26.72 6.79
C ALA B 345 18.38 26.95 5.28
N ALA B 346 19.59 27.13 4.78
CA ALA B 346 19.80 27.35 3.35
C ALA B 346 19.59 26.06 2.60
N ALA B 347 20.14 24.97 3.12
CA ALA B 347 20.02 23.66 2.50
C ALA B 347 18.56 23.18 2.51
N ALA B 348 17.80 23.66 3.49
CA ALA B 348 16.40 23.27 3.63
C ALA B 348 15.50 24.09 2.71
N GLY B 349 16.09 25.08 2.04
CA GLY B 349 15.32 25.92 1.15
C GLY B 349 14.52 26.99 1.88
N LEU B 350 14.99 27.37 3.06
CA LEU B 350 14.31 28.39 3.85
C LEU B 350 14.95 29.75 3.66
S SO4 C . 8.39 9.17 15.33
O1 SO4 C . 8.40 8.08 16.35
O2 SO4 C . 8.86 10.46 15.95
O3 SO4 C . 9.32 8.82 14.20
O4 SO4 C . 7.00 9.33 14.80
S SO4 D . 21.59 -1.50 27.23
O1 SO4 D . 21.24 -0.20 27.88
O2 SO4 D . 21.48 -1.37 25.75
O3 SO4 D . 23.00 -1.89 27.59
O4 SO4 D . 20.66 -2.59 27.71
S SO4 E . 10.14 4.86 11.47
O1 SO4 E . 9.44 3.91 12.38
O2 SO4 E . 11.37 5.38 12.14
O3 SO4 E . 10.54 4.16 10.20
O4 SO4 E . 9.23 6.00 11.14
S SO4 F . 5.31 3.97 17.76
O1 SO4 F . 4.49 5.20 17.92
O2 SO4 F . 4.82 3.17 16.59
O3 SO4 F . 6.75 4.35 17.51
O4 SO4 F . 5.23 3.13 19.01
S SO4 G . 16.47 6.02 21.04
O1 SO4 G . 16.83 4.58 20.85
O2 SO4 G . 17.46 6.68 21.94
O3 SO4 G . 16.46 6.71 19.71
O4 SO4 G . 15.11 6.13 21.66
S SO4 H . 3.26 -6.96 -13.54
O1 SO4 H . 4.11 -6.47 -12.41
O2 SO4 H . 2.13 -6.00 -13.77
O3 SO4 H . 4.09 -7.06 -14.80
O4 SO4 H . 2.71 -8.33 -13.21
S SO4 I . 10.21 -4.07 -32.67
O1 SO4 I . 11.45 -3.86 -33.48
O2 SO4 I . 10.58 -4.47 -31.28
O3 SO4 I . 9.41 -2.80 -32.62
O4 SO4 I . 9.37 -5.16 -33.29
S SO4 J . -2.68 -4.37 -18.01
O1 SO4 J . -1.47 -5.22 -18.21
O2 SO4 J . -2.48 -3.47 -16.84
O3 SO4 J . -2.91 -3.54 -19.24
O4 SO4 J . -3.88 -5.24 -17.77
#